data_9KJC
#
_entry.id   9KJC
#
_cell.length_a   1.00
_cell.length_b   1.00
_cell.length_c   1.00
_cell.angle_alpha   90.00
_cell.angle_beta   90.00
_cell.angle_gamma   90.00
#
_symmetry.space_group_name_H-M   'P 1'
#
loop_
_entity.id
_entity.type
_entity.pdbx_description
1 polymer 'ABC transporter B family member 19'
2 non-polymer Brassinolide
#
_entity_poly.entity_id   1
_entity_poly.type   'polypeptide(L)'
_entity_poly.pdbx_seq_one_letter_code
;MSETNTTDAKTVPAEAEKKKEQSLPFFKLFSFADKFDYLLMFVGSLGAIVHGSSMPVFFLLFGQMVNGFGKNQMDLHQMV
HEVSRYSLYFVYLGLVVCFSSYAEIACWMYSGERQVAALRKKYLEAVLKQDVGFFDTDARTGDIVFSVSTDTLLVQDAIS
EKVGNFIHYLSTFLAGLVVGFVSAWKLALLSVAVIPGIAFAGGLYAYTLTGITSKSRESYANAGVIAEQAIAQVRTVYSY
VGESKALNAYSDAIQYTLKLGYKAGMAKGLGLGCTYGIACMSWALVFWYAGVFIRNGQTDGGKAFTAIFSAIVGGMSLGQ
SFSNLGAFSKGKAAGYKLMEIINQRPTIIQDPLDGKCLDQVHGNIEFKDVTFSYPSRPDVMIFRNFNIFFPSGKTVAVVG
GSGSGKSTVVSLIERFYDPNSGQILLDGVEIKTLQLKFLREQIGLVNQEPALFATTILENILYGKPDATMVEVEAAASAA
NAHSFITLLPKGYDTQVGERGVQLSGGQKQRIAIARAMLKDPKILLLDEATSALDASSESIVQEALDRVMVGRTTVVVAH
RLCTIRNVDSIAVIQQGQVVETGTHEELIAKSGAYASLIRFQEMVGTRDFSNPSTRRTRSTRLSHSLSTKSLSLRSGSLR
NLSYSYSTGADGRIEMISNAETDRKTRAPENYFYRLLKLNSPEWPYSIMGAVGSILSGFIGPTFAIVMSNMIEVFYYTDY
DSMERKTKEYVFIYIGAGLYAVGAYLIQHYFFSIMGENLTTRVRRMMLSAILRNEVGWFDEDEHNSSLIAARLATDAADV
KSAIAERISVILQNMTSLLTSFIVAFIVEWRVSLLILGTFPLLVLANFAQQLSLKGFAGDTAKAHAKTSMIAGEGVSNIR
TVAAFNAQSKILSLFCHELRVPQKRSLYRSQTSGFLFGLSQLALYGSEALILWYGAHLVSKGVSTFSKVIKVFVVLVITA
NSVAETVSLAPEIIRGGEAVGSVFSVLDRQTRIDPDDADADPVETIRGDIEFRHVDFAYPSRPDVMVFRDFNLRIRAGHS
QALVGASGSGKSSVIAMIERFYDPLAGKVMIDGKDIRRLNLKSLRLKIGLVQQEPALFAATIFDNIAYGKDGATESEVID
AARAANAHGFISGLPEGYKTPVGERGVQLSGGQKQRIAIARAVLKNPTVLLLDEATSALDAESECVLQEALERLMRGRTT
VVVAHRLSTIRGVDCIGVIQDGRIVEQGSHSELVSRPEGAYSRLLQLQTHRI
;
_entity_poly.pdbx_strand_id   A
#
loop_
_chem_comp.id
_chem_comp.type
_chem_comp.name
_chem_comp.formula
BLD non-polymer Brassinolide 'C28 H48 O6'
#
# COMPACT_ATOMS: atom_id res chain seq x y z
N GLU A 21 9.53 4.43 -20.80
CA GLU A 21 10.88 3.87 -20.88
C GLU A 21 11.06 3.06 -22.16
N GLN A 22 11.19 1.74 -22.00
CA GLN A 22 11.36 0.84 -23.14
C GLN A 22 10.69 -0.48 -22.81
N SER A 23 10.44 -1.28 -23.85
CA SER A 23 9.79 -2.57 -23.71
C SER A 23 10.62 -3.64 -24.41
N LEU A 24 10.17 -4.88 -24.27
CA LEU A 24 10.77 -6.04 -24.90
C LEU A 24 9.83 -6.63 -25.94
N PRO A 25 10.35 -7.27 -26.98
CA PRO A 25 9.47 -8.05 -27.86
C PRO A 25 8.72 -9.09 -27.05
N PHE A 26 7.43 -9.24 -27.36
CA PHE A 26 6.58 -10.09 -26.52
C PHE A 26 7.04 -11.54 -26.54
N PHE A 27 7.39 -12.06 -27.70
CA PHE A 27 7.79 -13.45 -27.72
C PHE A 27 9.20 -13.68 -27.19
N LYS A 28 9.85 -12.63 -26.67
CA LYS A 28 11.08 -12.82 -25.90
C LYS A 28 10.80 -12.99 -24.42
N LEU A 29 9.54 -12.81 -23.99
CA LEU A 29 9.18 -13.14 -22.61
C LEU A 29 9.29 -14.63 -22.34
N PHE A 30 9.01 -15.46 -23.35
CA PHE A 30 9.05 -16.91 -23.19
C PHE A 30 10.44 -17.44 -23.47
N SER A 31 11.45 -16.85 -22.83
CA SER A 31 12.83 -17.27 -23.02
C SER A 31 13.24 -18.33 -22.01
N PHE A 32 12.94 -18.11 -20.73
CA PHE A 32 13.25 -19.06 -19.68
C PHE A 32 12.16 -20.12 -19.66
N ALA A 33 12.36 -21.14 -20.49
CA ALA A 33 11.34 -22.16 -20.73
C ALA A 33 12.01 -23.53 -20.77
N ASP A 34 11.26 -24.52 -21.23
CA ASP A 34 11.75 -25.90 -21.34
C ASP A 34 10.84 -26.63 -22.30
N LYS A 35 11.18 -27.90 -22.57
CA LYS A 35 10.32 -28.71 -23.43
C LYS A 35 8.97 -28.96 -22.78
N PHE A 36 8.95 -29.19 -21.47
CA PHE A 36 7.70 -29.39 -20.76
C PHE A 36 6.79 -28.18 -20.86
N ASP A 37 7.37 -26.98 -20.76
CA ASP A 37 6.56 -25.77 -20.87
C ASP A 37 6.04 -25.57 -22.30
N TYR A 38 6.84 -25.95 -23.29
CA TYR A 38 6.35 -25.91 -24.67
C TYR A 38 5.14 -26.83 -24.84
N LEU A 39 5.22 -28.04 -24.29
CA LEU A 39 4.08 -28.96 -24.37
C LEU A 39 2.87 -28.39 -23.65
N LEU A 40 3.07 -27.80 -22.47
CA LEU A 40 1.96 -27.24 -21.72
C LEU A 40 1.30 -26.09 -22.49
N MET A 41 2.09 -25.22 -23.10
CA MET A 41 1.52 -24.14 -23.89
C MET A 41 0.75 -24.68 -25.09
N PHE A 42 1.28 -25.73 -25.73
CA PHE A 42 0.57 -26.32 -26.86
C PHE A 42 -0.80 -26.84 -26.44
N VAL A 43 -0.84 -27.60 -25.34
CA VAL A 43 -2.11 -28.15 -24.86
C VAL A 43 -3.06 -27.03 -24.47
N GLY A 44 -2.55 -25.99 -23.79
CA GLY A 44 -3.40 -24.89 -23.39
C GLY A 44 -4.00 -24.14 -24.56
N SER A 45 -3.20 -23.90 -25.60
CA SER A 45 -3.70 -23.23 -26.78
C SER A 45 -4.77 -24.06 -27.48
N LEU A 46 -4.54 -25.37 -27.60
CA LEU A 46 -5.56 -26.22 -28.20
C LEU A 46 -6.85 -26.19 -27.40
N GLY A 47 -6.75 -26.27 -26.08
CA GLY A 47 -7.94 -26.23 -25.25
C GLY A 47 -8.70 -24.92 -25.38
N ALA A 48 -7.97 -23.79 -25.39
CA ALA A 48 -8.63 -22.50 -25.51
C ALA A 48 -9.36 -22.37 -26.85
N ILE A 49 -8.71 -22.80 -27.93
CA ILE A 49 -9.35 -22.73 -29.24
C ILE A 49 -10.60 -23.59 -29.29
N VAL A 50 -10.53 -24.80 -28.72
CA VAL A 50 -11.69 -25.68 -28.74
C VAL A 50 -12.84 -25.10 -27.92
N HIS A 51 -12.55 -24.55 -26.74
CA HIS A 51 -13.58 -23.91 -25.92
C HIS A 51 -14.28 -22.79 -26.68
N GLY A 52 -13.47 -21.88 -27.25
CA GLY A 52 -14.04 -20.74 -27.96
C GLY A 52 -14.89 -21.17 -29.13
N SER A 53 -14.38 -22.09 -29.95
CA SER A 53 -15.19 -22.58 -31.06
C SER A 53 -16.39 -23.38 -30.59
N SER A 54 -16.37 -23.89 -29.36
CA SER A 54 -17.46 -24.73 -28.88
C SER A 54 -18.69 -23.93 -28.51
N MET A 55 -18.51 -22.73 -27.95
CA MET A 55 -19.70 -21.98 -27.52
C MET A 55 -20.67 -21.63 -28.67
N PRO A 56 -20.24 -21.00 -29.77
CA PRO A 56 -21.18 -20.80 -30.88
C PRO A 56 -21.71 -22.09 -31.49
N VAL A 57 -20.99 -23.20 -31.35
CA VAL A 57 -21.57 -24.49 -31.73
C VAL A 57 -22.80 -24.79 -30.87
N PHE A 58 -22.75 -24.42 -29.58
CA PHE A 58 -23.94 -24.54 -28.75
C PHE A 58 -25.06 -23.68 -29.28
N PHE A 59 -24.74 -22.45 -29.71
CA PHE A 59 -25.81 -21.64 -30.31
C PHE A 59 -26.42 -22.31 -31.52
N LEU A 60 -25.58 -22.90 -32.38
CA LEU A 60 -26.09 -23.58 -33.58
C LEU A 60 -27.01 -24.74 -33.19
N LEU A 61 -26.58 -25.55 -32.21
CA LEU A 61 -27.40 -26.68 -31.79
C LEU A 61 -28.73 -26.22 -31.22
N PHE A 62 -28.72 -25.17 -30.39
CA PHE A 62 -29.96 -24.66 -29.83
C PHE A 62 -30.90 -24.15 -30.92
N GLY A 63 -30.35 -23.43 -31.89
CA GLY A 63 -31.18 -22.98 -33.00
C GLY A 63 -31.81 -24.15 -33.74
N GLN A 64 -31.04 -25.20 -34.00
CA GLN A 64 -31.58 -26.35 -34.72
C GLN A 64 -32.67 -27.04 -33.90
N MET A 65 -32.50 -27.14 -32.58
CA MET A 65 -33.51 -27.80 -31.77
C MET A 65 -34.78 -26.97 -31.67
N VAL A 66 -34.65 -25.64 -31.58
CA VAL A 66 -35.84 -24.79 -31.59
C VAL A 66 -36.57 -24.93 -32.91
N ASN A 67 -35.82 -25.01 -34.01
CA ASN A 67 -36.43 -25.31 -35.30
C ASN A 67 -37.12 -26.66 -35.29
N GLY A 68 -36.54 -27.63 -34.57
CA GLY A 68 -37.14 -28.95 -34.46
C GLY A 68 -38.51 -28.91 -33.82
N PHE A 69 -38.66 -28.17 -32.73
CA PHE A 69 -40.01 -27.88 -32.24
C PHE A 69 -40.85 -27.17 -33.29
N GLY A 70 -40.31 -26.10 -33.88
CA GLY A 70 -41.15 -25.19 -34.63
C GLY A 70 -41.78 -25.82 -35.85
N LYS A 71 -40.99 -26.54 -36.64
CA LYS A 71 -41.48 -27.08 -37.91
C LYS A 71 -42.16 -28.42 -37.77
N ASN A 72 -42.29 -28.96 -36.56
CA ASN A 72 -42.80 -30.32 -36.37
C ASN A 72 -43.99 -30.40 -35.43
N GLN A 73 -44.75 -29.33 -35.26
CA GLN A 73 -45.93 -29.43 -34.39
C GLN A 73 -47.16 -29.92 -35.15
N MET A 74 -46.97 -30.93 -35.99
CA MET A 74 -48.04 -31.77 -36.53
C MET A 74 -47.61 -33.22 -36.62
N ASP A 75 -46.37 -33.54 -36.28
CA ASP A 75 -45.75 -34.85 -36.45
C ASP A 75 -45.17 -35.33 -35.13
N LEU A 76 -46.01 -35.25 -34.09
CA LEU A 76 -45.62 -35.35 -32.69
C LEU A 76 -44.46 -36.30 -32.42
N HIS A 77 -44.49 -37.49 -33.03
CA HIS A 77 -43.43 -38.47 -32.79
C HIS A 77 -42.07 -37.94 -33.24
N GLN A 78 -42.02 -37.33 -34.43
CA GLN A 78 -40.76 -36.80 -34.94
C GLN A 78 -40.24 -35.70 -34.03
N MET A 79 -41.15 -34.94 -33.41
CA MET A 79 -40.74 -33.96 -32.40
C MET A 79 -39.95 -34.62 -31.28
N VAL A 80 -40.49 -35.71 -30.74
CA VAL A 80 -39.79 -36.41 -29.65
C VAL A 80 -38.45 -36.92 -30.12
N HIS A 81 -38.41 -37.52 -31.32
CA HIS A 81 -37.16 -38.05 -31.83
C HIS A 81 -36.09 -36.98 -31.93
N GLU A 82 -36.41 -35.87 -32.60
CA GLU A 82 -35.40 -34.84 -32.83
C GLU A 82 -35.00 -34.14 -31.54
N VAL A 83 -35.95 -33.92 -30.63
CA VAL A 83 -35.60 -33.26 -29.38
C VAL A 83 -34.68 -34.16 -28.55
N SER A 84 -34.96 -35.46 -28.51
CA SER A 84 -34.06 -36.37 -27.79
C SER A 84 -32.68 -36.37 -28.42
N ARG A 85 -32.62 -36.40 -29.76
CA ARG A 85 -31.33 -36.42 -30.44
C ARG A 85 -30.51 -35.17 -30.11
N TYR A 86 -31.14 -34.01 -30.14
CA TYR A 86 -30.39 -32.79 -29.85
C TYR A 86 -30.11 -32.61 -28.36
N SER A 87 -30.90 -33.22 -27.48
CA SER A 87 -30.52 -33.27 -26.08
C SER A 87 -29.23 -34.08 -25.90
N LEU A 88 -29.14 -35.21 -26.60
CA LEU A 88 -27.90 -35.99 -26.56
C LEU A 88 -26.73 -35.17 -27.10
N TYR A 89 -26.96 -34.39 -28.15
CA TYR A 89 -25.90 -33.54 -28.69
C TYR A 89 -25.49 -32.48 -27.68
N PHE A 90 -26.44 -31.92 -26.93
CA PHE A 90 -26.08 -31.01 -25.84
C PHE A 90 -25.20 -31.70 -24.81
N VAL A 91 -25.51 -32.96 -24.48
CA VAL A 91 -24.66 -33.67 -23.52
C VAL A 91 -23.24 -33.81 -24.06
N TYR A 92 -23.12 -34.14 -25.34
CA TYR A 92 -21.79 -34.27 -25.95
C TYR A 92 -21.02 -32.96 -25.89
N LEU A 93 -21.69 -31.85 -26.23
CA LEU A 93 -21.03 -30.55 -26.16
C LEU A 93 -20.63 -30.20 -24.73
N GLY A 94 -21.47 -30.57 -23.76
CA GLY A 94 -21.09 -30.36 -22.38
C GLY A 94 -19.82 -31.08 -22.01
N LEU A 95 -19.69 -32.34 -22.45
CA LEU A 95 -18.46 -33.09 -22.20
C LEU A 95 -17.25 -32.41 -22.83
N VAL A 96 -17.40 -31.98 -24.09
CA VAL A 96 -16.28 -31.36 -24.79
C VAL A 96 -15.84 -30.07 -24.10
N VAL A 97 -16.80 -29.23 -23.70
CA VAL A 97 -16.47 -27.99 -23.02
C VAL A 97 -15.82 -28.28 -21.68
N CYS A 98 -16.32 -29.29 -20.96
CA CYS A 98 -15.67 -29.71 -19.72
C CYS A 98 -14.19 -29.97 -19.93
N PHE A 99 -13.86 -30.90 -20.83
CA PHE A 99 -12.46 -31.27 -21.00
C PHE A 99 -11.62 -30.11 -21.52
N SER A 100 -12.15 -29.33 -22.47
CA SER A 100 -11.37 -28.23 -23.03
C SER A 100 -11.08 -27.15 -22.00
N SER A 101 -12.07 -26.77 -21.20
CA SER A 101 -11.85 -25.74 -20.19
C SER A 101 -10.87 -26.21 -19.14
N TYR A 102 -11.01 -27.47 -18.70
CA TYR A 102 -10.03 -28.03 -17.77
C TYR A 102 -8.62 -27.92 -18.34
N ALA A 103 -8.46 -28.34 -19.60
CA ALA A 103 -7.14 -28.33 -20.23
C ALA A 103 -6.56 -26.93 -20.24
N GLU A 104 -7.32 -25.95 -20.75
CA GLU A 104 -6.74 -24.61 -20.90
C GLU A 104 -6.35 -24.04 -19.54
N ILE A 105 -7.25 -24.10 -18.56
CA ILE A 105 -6.97 -23.45 -17.29
C ILE A 105 -5.78 -24.10 -16.59
N ALA A 106 -5.81 -25.44 -16.47
CA ALA A 106 -4.74 -26.12 -15.77
C ALA A 106 -3.39 -25.89 -16.45
N CYS A 107 -3.33 -26.11 -17.77
CA CYS A 107 -2.06 -26.01 -18.47
C CYS A 107 -1.49 -24.61 -18.40
N TRP A 108 -2.31 -23.58 -18.63
CA TRP A 108 -1.76 -22.24 -18.66
C TRP A 108 -1.31 -21.79 -17.27
N MET A 109 -2.11 -22.08 -16.23
CA MET A 109 -1.68 -21.70 -14.89
C MET A 109 -0.36 -22.35 -14.52
N TYR A 110 -0.25 -23.67 -14.73
CA TYR A 110 0.97 -24.35 -14.32
C TYR A 110 2.17 -23.88 -15.11
N SER A 111 2.02 -23.69 -16.43
CA SER A 111 3.15 -23.25 -17.24
C SER A 111 3.61 -21.86 -16.81
N GLY A 112 2.68 -20.94 -16.57
CA GLY A 112 3.06 -19.62 -16.11
C GLY A 112 3.83 -19.65 -14.81
N GLU A 113 3.35 -20.45 -13.85
CA GLU A 113 4.06 -20.53 -12.57
C GLU A 113 5.46 -21.09 -12.73
N ARG A 114 5.61 -22.16 -13.53
CA ARG A 114 6.93 -22.73 -13.73
C ARG A 114 7.89 -21.73 -14.34
N GLN A 115 7.43 -21.00 -15.37
CA GLN A 115 8.33 -20.07 -16.03
C GLN A 115 8.70 -18.89 -15.13
N VAL A 116 7.74 -18.36 -14.38
CA VAL A 116 8.10 -17.24 -13.52
C VAL A 116 9.02 -17.69 -12.39
N ALA A 117 8.87 -18.93 -11.91
CA ALA A 117 9.81 -19.44 -10.91
C ALA A 117 11.21 -19.55 -11.48
N ALA A 118 11.34 -20.05 -12.71
CA ALA A 118 12.65 -20.11 -13.34
C ALA A 118 13.25 -18.73 -13.51
N LEU A 119 12.42 -17.75 -13.91
CA LEU A 119 12.92 -16.39 -14.07
C LEU A 119 13.43 -15.82 -12.74
N ARG A 120 12.67 -16.04 -11.66
CA ARG A 120 13.12 -15.56 -10.35
C ARG A 120 14.45 -16.19 -9.96
N LYS A 121 14.58 -17.51 -10.16
CA LYS A 121 15.82 -18.18 -9.81
C LYS A 121 17.00 -17.63 -10.60
N LYS A 122 16.81 -17.40 -11.90
CA LYS A 122 17.88 -16.82 -12.69
C LYS A 122 18.21 -15.41 -12.24
N TYR A 123 17.18 -14.63 -11.90
CA TYR A 123 17.39 -13.23 -11.53
C TYR A 123 18.21 -13.12 -10.25
N LEU A 124 17.83 -13.88 -9.22
CA LEU A 124 18.53 -13.77 -7.95
C LEU A 124 19.96 -14.29 -8.06
N GLU A 125 20.20 -15.28 -8.91
CA GLU A 125 21.55 -15.77 -9.10
C GLU A 125 22.45 -14.69 -9.69
N ALA A 126 21.91 -13.87 -10.59
CA ALA A 126 22.71 -12.82 -11.21
C ALA A 126 23.19 -11.81 -10.18
N VAL A 127 22.30 -11.38 -9.28
CA VAL A 127 22.63 -10.32 -8.34
C VAL A 127 23.81 -10.73 -7.46
N LEU A 128 23.77 -11.95 -6.94
CA LEU A 128 24.88 -12.44 -6.12
C LEU A 128 26.17 -12.51 -6.91
N LYS A 129 26.11 -13.01 -8.15
CA LYS A 129 27.29 -13.12 -8.99
C LYS A 129 27.71 -11.76 -9.53
N GLN A 130 26.76 -10.91 -9.86
CA GLN A 130 27.06 -9.57 -10.36
C GLN A 130 27.75 -8.75 -9.27
N ASP A 131 28.64 -7.87 -9.68
CA ASP A 131 29.58 -7.25 -8.75
C ASP A 131 28.86 -6.37 -7.73
N VAL A 132 29.46 -6.27 -6.55
CA VAL A 132 28.87 -5.54 -5.42
C VAL A 132 29.19 -4.05 -5.46
N GLY A 133 30.16 -3.62 -6.26
CA GLY A 133 30.59 -2.23 -6.21
C GLY A 133 29.50 -1.25 -6.58
N PHE A 134 28.65 -1.63 -7.54
CA PHE A 134 27.58 -0.75 -7.99
C PHE A 134 26.46 -0.59 -6.98
N PHE A 135 26.44 -1.39 -5.92
CA PHE A 135 25.48 -1.21 -4.84
C PHE A 135 26.05 -0.20 -3.84
N ASP A 136 25.59 1.05 -3.93
CA ASP A 136 26.09 2.13 -3.09
C ASP A 136 24.99 2.72 -2.21
N THR A 137 23.96 1.92 -1.91
CA THR A 137 22.85 2.27 -1.01
C THR A 137 22.22 3.63 -1.32
N ASP A 138 22.44 4.14 -2.53
CA ASP A 138 21.82 5.40 -2.97
C ASP A 138 20.46 5.10 -3.57
N ALA A 139 19.55 4.66 -2.69
CA ALA A 139 18.22 4.17 -3.04
C ALA A 139 18.26 2.98 -3.99
N ARG A 140 19.44 2.35 -4.15
CA ARG A 140 19.54 1.17 -4.99
C ARG A 140 18.95 -0.06 -4.30
N THR A 141 19.14 -0.17 -2.98
CA THR A 141 18.61 -1.29 -2.23
C THR A 141 17.09 -1.34 -2.31
N GLY A 142 16.43 -0.19 -2.12
CA GLY A 142 14.99 -0.15 -2.18
C GLY A 142 14.44 -0.33 -3.58
N ASP A 143 15.23 0.01 -4.60
CA ASP A 143 14.79 -0.14 -5.98
C ASP A 143 14.78 -1.61 -6.38
N ILE A 144 15.84 -2.33 -6.06
CA ILE A 144 16.01 -3.69 -6.58
C ILE A 144 14.98 -4.64 -5.97
N VAL A 145 14.72 -4.52 -4.67
CA VAL A 145 13.82 -5.47 -4.01
C VAL A 145 12.38 -5.27 -4.50
N PHE A 146 11.93 -4.01 -4.58
CA PHE A 146 10.62 -3.74 -5.12
C PHE A 146 10.53 -4.17 -6.58
N SER A 147 11.60 -3.93 -7.35
CA SER A 147 11.65 -4.43 -8.71
C SER A 147 11.41 -5.92 -8.74
N VAL A 148 12.18 -6.68 -7.96
CA VAL A 148 12.04 -8.13 -7.92
C VAL A 148 10.59 -8.50 -7.68
N SER A 149 10.05 -8.11 -6.51
CA SER A 149 8.71 -8.56 -6.13
C SER A 149 7.67 -8.12 -7.16
N THR A 150 7.48 -6.81 -7.30
CA THR A 150 6.37 -6.31 -8.09
C THR A 150 6.51 -6.69 -9.56
N ASP A 151 7.71 -6.58 -10.12
CA ASP A 151 7.87 -6.82 -11.54
C ASP A 151 7.80 -8.30 -11.89
N THR A 152 8.32 -9.20 -11.04
CA THR A 152 8.09 -10.61 -11.30
C THR A 152 6.62 -10.94 -11.21
N LEU A 153 5.89 -10.32 -10.28
CA LEU A 153 4.44 -10.51 -10.24
C LEU A 153 3.80 -10.05 -11.53
N LEU A 154 4.23 -8.90 -12.05
CA LEU A 154 3.67 -8.39 -13.31
C LEU A 154 3.94 -9.33 -14.48
N VAL A 155 5.17 -9.84 -14.58
CA VAL A 155 5.50 -10.73 -15.67
C VAL A 155 4.68 -12.01 -15.57
N GLN A 156 4.54 -12.57 -14.36
CA GLN A 156 3.70 -13.74 -14.19
C GLN A 156 2.26 -13.44 -14.58
N ASP A 157 1.78 -12.23 -14.28
CA ASP A 157 0.44 -11.84 -14.68
C ASP A 157 0.30 -11.79 -16.20
N ALA A 158 1.35 -11.36 -16.90
CA ALA A 158 1.27 -11.21 -18.34
C ALA A 158 1.59 -12.49 -19.11
N ILE A 159 1.93 -13.57 -18.42
CA ILE A 159 2.34 -14.82 -19.07
C ILE A 159 1.41 -15.97 -18.71
N SER A 160 0.93 -16.03 -17.47
CA SER A 160 0.32 -17.23 -16.95
C SER A 160 -1.04 -17.53 -17.58
N GLU A 161 -2.02 -16.67 -17.35
CA GLU A 161 -3.40 -16.99 -17.68
C GLU A 161 -4.04 -16.03 -18.67
N LYS A 162 -3.66 -14.75 -18.66
CA LYS A 162 -4.34 -13.79 -19.52
C LYS A 162 -4.12 -14.10 -21.00
N VAL A 163 -3.09 -14.87 -21.34
CA VAL A 163 -2.95 -15.34 -22.72
C VAL A 163 -4.06 -16.33 -23.05
N GLY A 164 -4.45 -17.14 -22.07
CA GLY A 164 -5.57 -18.05 -22.29
C GLY A 164 -6.86 -17.33 -22.59
N ASN A 165 -7.17 -16.29 -21.81
CA ASN A 165 -8.38 -15.50 -22.07
C ASN A 165 -8.28 -14.81 -23.43
N PHE A 166 -7.12 -14.27 -23.76
CA PHE A 166 -6.94 -13.61 -25.05
C PHE A 166 -7.22 -14.57 -26.20
N ILE A 167 -6.59 -15.73 -26.18
CA ILE A 167 -6.79 -16.70 -27.26
C ILE A 167 -8.23 -17.17 -27.30
N HIS A 168 -8.83 -17.44 -26.13
CA HIS A 168 -10.19 -17.96 -26.09
C HIS A 168 -11.16 -16.96 -26.69
N TYR A 169 -11.04 -15.68 -26.33
CA TYR A 169 -12.02 -14.72 -26.82
C TYR A 169 -11.79 -14.35 -28.27
N LEU A 170 -10.53 -14.28 -28.71
CA LEU A 170 -10.29 -14.11 -30.14
C LEU A 170 -10.84 -15.30 -30.93
N SER A 171 -10.75 -16.51 -30.38
CA SER A 171 -11.32 -17.67 -31.06
C SER A 171 -12.83 -17.60 -31.10
N THR A 172 -13.47 -17.14 -30.03
CA THR A 172 -14.92 -16.95 -30.07
C THR A 172 -15.29 -15.94 -31.14
N PHE A 173 -14.49 -14.89 -31.30
CA PHE A 173 -14.76 -13.93 -32.38
C PHE A 173 -14.69 -14.60 -33.75
N LEU A 174 -13.58 -15.29 -34.03
CA LEU A 174 -13.43 -15.89 -35.36
C LEU A 174 -14.49 -16.95 -35.63
N ALA A 175 -14.86 -17.74 -34.62
CA ALA A 175 -15.88 -18.76 -34.83
C ALA A 175 -17.26 -18.13 -34.95
N GLY A 176 -17.49 -17.01 -34.27
CA GLY A 176 -18.80 -16.38 -34.30
C GLY A 176 -19.15 -15.84 -35.68
N LEU A 177 -18.21 -15.20 -36.35
CA LEU A 177 -18.48 -14.69 -37.68
C LEU A 177 -18.74 -15.83 -38.67
N VAL A 178 -17.93 -16.89 -38.61
CA VAL A 178 -18.05 -17.97 -39.57
C VAL A 178 -19.42 -18.63 -39.48
N VAL A 179 -19.86 -18.91 -38.25
CA VAL A 179 -21.07 -19.72 -38.08
C VAL A 179 -22.30 -19.01 -38.61
N GLY A 180 -22.45 -17.71 -38.36
CA GLY A 180 -23.60 -17.00 -38.88
C GLY A 180 -23.62 -16.88 -40.39
N PHE A 181 -22.46 -16.51 -40.95
CA PHE A 181 -22.36 -16.34 -42.40
C PHE A 181 -22.65 -17.65 -43.13
N VAL A 182 -22.12 -18.78 -42.62
CA VAL A 182 -22.48 -20.05 -43.21
C VAL A 182 -23.90 -20.46 -42.83
N SER A 183 -24.45 -19.88 -41.76
CA SER A 183 -25.81 -20.23 -41.36
C SER A 183 -26.82 -19.71 -42.35
N ALA A 184 -27.01 -18.41 -42.47
CA ALA A 184 -27.64 -17.99 -43.72
C ALA A 184 -26.91 -16.87 -44.46
N TRP A 185 -27.08 -15.64 -43.97
CA TRP A 185 -26.49 -14.43 -44.54
C TRP A 185 -27.09 -13.22 -43.84
N LYS A 186 -26.55 -12.02 -44.09
CA LYS A 186 -27.33 -10.78 -44.07
C LYS A 186 -27.79 -10.35 -42.68
N LEU A 187 -27.63 -11.21 -41.68
CA LEU A 187 -27.93 -10.80 -40.31
C LEU A 187 -26.67 -10.73 -39.49
N ALA A 188 -25.71 -11.61 -39.77
CA ALA A 188 -24.37 -11.43 -39.23
C ALA A 188 -23.72 -10.18 -39.80
N LEU A 189 -24.28 -9.65 -40.88
CA LEU A 189 -23.81 -8.38 -41.43
C LEU A 189 -24.44 -7.19 -40.70
N LEU A 190 -25.78 -7.18 -40.59
CA LEU A 190 -26.48 -6.09 -39.92
C LEU A 190 -26.06 -5.99 -38.45
N SER A 191 -26.03 -7.13 -37.75
CA SER A 191 -25.68 -7.12 -36.33
C SER A 191 -24.25 -6.66 -36.12
N VAL A 192 -23.32 -7.12 -36.96
CA VAL A 192 -21.93 -6.69 -36.85
C VAL A 192 -21.80 -5.21 -37.19
N ALA A 193 -22.64 -4.71 -38.09
CA ALA A 193 -22.60 -3.27 -38.38
C ALA A 193 -23.19 -2.45 -37.24
N VAL A 194 -24.12 -3.02 -36.48
CA VAL A 194 -24.81 -2.23 -35.45
C VAL A 194 -24.03 -2.25 -34.14
N ILE A 195 -23.37 -3.35 -33.82
CA ILE A 195 -22.67 -3.47 -32.53
C ILE A 195 -21.63 -2.38 -32.29
N PRO A 196 -21.04 -1.73 -33.31
CA PRO A 196 -20.22 -0.55 -33.01
C PRO A 196 -21.00 0.55 -32.30
N GLY A 197 -22.31 0.67 -32.51
CA GLY A 197 -23.08 1.64 -31.76
C GLY A 197 -23.05 1.36 -30.27
N ILE A 198 -23.28 0.09 -29.89
CA ILE A 198 -23.20 -0.30 -28.48
C ILE A 198 -21.81 -0.07 -27.94
N ALA A 199 -20.78 -0.44 -28.72
CA ALA A 199 -19.41 -0.25 -28.28
C ALA A 199 -19.09 1.21 -28.05
N PHE A 200 -19.53 2.08 -28.97
CA PHE A 200 -19.28 3.51 -28.83
C PHE A 200 -20.02 4.10 -27.63
N ALA A 201 -21.27 3.66 -27.41
CA ALA A 201 -22.00 4.14 -26.24
C ALA A 201 -21.30 3.73 -24.95
N GLY A 202 -20.85 2.48 -24.87
CA GLY A 202 -20.13 2.04 -23.69
C GLY A 202 -18.83 2.80 -23.50
N GLY A 203 -18.10 3.07 -24.59
CA GLY A 203 -16.87 3.82 -24.47
C GLY A 203 -17.09 5.25 -24.02
N LEU A 204 -18.13 5.90 -24.54
CA LEU A 204 -18.45 7.26 -24.12
C LEU A 204 -18.85 7.29 -22.65
N TYR A 205 -19.64 6.30 -22.21
CA TYR A 205 -20.00 6.21 -20.80
C TYR A 205 -18.75 6.03 -19.93
N ALA A 206 -17.83 5.17 -20.34
CA ALA A 206 -16.61 4.96 -19.58
C ALA A 206 -15.77 6.23 -19.54
N TYR A 207 -15.69 6.95 -20.66
CA TYR A 207 -14.91 8.20 -20.70
C TYR A 207 -15.50 9.24 -19.75
N THR A 208 -16.82 9.40 -19.77
CA THR A 208 -17.46 10.35 -18.86
C THR A 208 -17.27 9.92 -17.41
N LEU A 209 -17.35 8.62 -17.13
CA LEU A 209 -17.14 8.13 -15.78
C LEU A 209 -15.72 8.42 -15.31
N THR A 210 -14.72 8.21 -16.18
CA THR A 210 -13.34 8.52 -15.81
C THR A 210 -13.16 10.00 -15.55
N GLY A 211 -13.77 10.85 -16.38
CA GLY A 211 -13.64 12.29 -16.18
C GLY A 211 -14.24 12.75 -14.87
N ILE A 212 -15.46 12.29 -14.57
CA ILE A 212 -16.10 12.69 -13.32
C ILE A 212 -15.35 12.11 -12.12
N THR A 213 -14.79 10.90 -12.26
CA THR A 213 -13.98 10.33 -11.19
C THR A 213 -12.75 11.18 -10.94
N SER A 214 -12.09 11.65 -12.00
CA SER A 214 -10.93 12.51 -11.83
C SER A 214 -11.30 13.83 -11.16
N LYS A 215 -12.44 14.41 -11.56
CA LYS A 215 -12.88 15.65 -10.92
C LYS A 215 -13.16 15.44 -9.43
N SER A 216 -13.84 14.35 -9.08
CA SER A 216 -14.09 14.07 -7.67
C SER A 216 -12.78 13.83 -6.92
N ARG A 217 -11.82 13.17 -7.56
CA ARG A 217 -10.52 12.95 -6.94
C ARG A 217 -9.83 14.27 -6.66
N GLU A 218 -9.89 15.21 -7.60
CA GLU A 218 -9.29 16.53 -7.36
C GLU A 218 -9.98 17.27 -6.22
N SER A 219 -11.32 17.21 -6.19
CA SER A 219 -12.05 17.89 -5.12
C SER A 219 -11.69 17.31 -3.76
N TYR A 220 -11.63 15.99 -3.66
CA TYR A 220 -11.26 15.40 -2.38
C TYR A 220 -9.78 15.58 -2.07
N ALA A 221 -8.93 15.74 -3.07
CA ALA A 221 -7.53 16.08 -2.79
C ALA A 221 -7.45 17.45 -2.13
N ASN A 222 -8.22 18.42 -2.62
CA ASN A 222 -8.28 19.72 -1.97
C ASN A 222 -8.82 19.59 -0.55
N ALA A 223 -9.89 18.79 -0.37
CA ALA A 223 -10.44 18.59 0.97
C ALA A 223 -9.41 17.96 1.91
N GLY A 224 -8.67 16.96 1.42
CA GLY A 224 -7.70 16.29 2.25
C GLY A 224 -6.52 17.17 2.62
N VAL A 225 -6.04 17.98 1.67
CA VAL A 225 -4.96 18.88 2.03
C VAL A 225 -5.44 19.97 2.97
N ILE A 226 -6.74 20.29 2.94
CA ILE A 226 -7.28 21.19 3.96
C ILE A 226 -7.34 20.52 5.32
N ALA A 227 -7.69 19.23 5.35
CA ALA A 227 -7.99 18.56 6.62
C ALA A 227 -6.72 18.06 7.32
N GLU A 228 -5.86 17.36 6.59
CA GLU A 228 -4.78 16.59 7.21
C GLU A 228 -3.78 17.47 7.96
N GLN A 229 -3.76 18.78 7.70
CA GLN A 229 -2.85 19.65 8.43
C GLN A 229 -3.22 19.72 9.91
N ALA A 230 -4.52 19.67 10.23
CA ALA A 230 -4.94 19.74 11.61
C ALA A 230 -4.46 18.53 12.41
N ILE A 231 -4.52 17.34 11.80
CA ILE A 231 -4.08 16.13 12.49
C ILE A 231 -2.59 16.18 12.76
N ALA A 232 -1.80 16.61 11.77
CA ALA A 232 -0.35 16.61 11.92
C ALA A 232 0.09 17.57 13.04
N GLN A 233 -0.36 18.81 12.98
CA GLN A 233 -0.08 19.78 14.03
C GLN A 233 -1.20 19.82 15.06
N VAL A 234 -1.53 18.66 15.62
CA VAL A 234 -2.64 18.56 16.57
C VAL A 234 -2.36 19.36 17.82
N ARG A 235 -1.10 19.41 18.25
CA ARG A 235 -0.76 20.16 19.47
C ARG A 235 -1.10 21.64 19.31
N THR A 236 -0.78 22.22 18.16
CA THR A 236 -1.14 23.61 17.92
C THR A 236 -2.64 23.78 17.79
N VAL A 237 -3.31 22.84 17.10
CA VAL A 237 -4.75 22.93 16.92
C VAL A 237 -5.47 22.85 18.26
N TYR A 238 -5.03 21.94 19.13
CA TYR A 238 -5.65 21.84 20.45
C TYR A 238 -5.37 23.08 21.29
N SER A 239 -4.14 23.60 21.23
CA SER A 239 -3.79 24.75 22.06
C SER A 239 -4.61 25.97 21.69
N TYR A 240 -4.77 26.23 20.39
CA TYR A 240 -5.57 27.34 19.90
C TYR A 240 -6.86 26.75 19.35
N VAL A 241 -7.94 26.88 20.14
CA VAL A 241 -9.19 26.19 19.86
C VAL A 241 -9.65 26.42 18.42
N GLY A 242 -9.79 25.34 17.67
CA GLY A 242 -10.18 25.43 16.28
C GLY A 242 -11.04 24.26 15.84
N GLU A 243 -11.55 23.50 16.80
CA GLU A 243 -12.39 22.34 16.48
C GLU A 243 -13.59 22.76 15.65
N SER A 244 -14.31 23.79 16.10
CA SER A 244 -15.39 24.34 15.29
C SER A 244 -14.84 25.01 14.04
N LYS A 245 -13.72 25.72 14.17
CA LYS A 245 -13.16 26.44 13.03
C LYS A 245 -12.67 25.50 11.94
N ALA A 246 -11.97 24.43 12.34
CA ALA A 246 -11.40 23.52 11.34
C ALA A 246 -12.49 22.79 10.57
N LEU A 247 -13.57 22.40 11.26
CA LEU A 247 -14.59 21.59 10.62
C LEU A 247 -15.37 22.35 9.56
N ASN A 248 -15.42 23.67 9.61
CA ASN A 248 -16.20 24.42 8.63
C ASN A 248 -15.60 24.32 7.23
N ALA A 249 -14.26 24.42 7.12
CA ALA A 249 -13.62 24.26 5.82
C ALA A 249 -13.85 22.88 5.26
N TYR A 250 -13.74 21.86 6.11
CA TYR A 250 -14.04 20.49 5.68
C TYR A 250 -15.48 20.37 5.22
N SER A 251 -16.40 21.04 5.91
CA SER A 251 -17.80 21.01 5.50
C SER A 251 -17.98 21.63 4.13
N ASP A 252 -17.33 22.76 3.87
CA ASP A 252 -17.46 23.41 2.57
C ASP A 252 -16.91 22.53 1.46
N ALA A 253 -15.72 21.97 1.67
CA ALA A 253 -15.11 21.11 0.66
C ALA A 253 -15.96 19.87 0.40
N ILE A 254 -16.51 19.28 1.47
CA ILE A 254 -17.29 18.07 1.29
C ILE A 254 -18.63 18.39 0.65
N GLN A 255 -19.16 19.61 0.84
CA GLN A 255 -20.37 19.99 0.10
C GLN A 255 -20.09 20.13 -1.39
N TYR A 256 -18.92 20.69 -1.74
CA TYR A 256 -18.55 20.74 -3.15
C TYR A 256 -18.45 19.33 -3.74
N THR A 257 -17.78 18.43 -3.01
CA THR A 257 -17.69 17.05 -3.46
C THR A 257 -19.06 16.38 -3.52
N LEU A 258 -19.97 16.77 -2.64
CA LEU A 258 -21.34 16.24 -2.66
C LEU A 258 -22.06 16.63 -3.94
N LYS A 259 -21.94 17.91 -4.34
CA LYS A 259 -22.55 18.34 -5.59
C LYS A 259 -21.94 17.59 -6.77
N LEU A 260 -20.62 17.42 -6.76
CA LEU A 260 -19.97 16.69 -7.84
C LEU A 260 -20.43 15.24 -7.89
N GLY A 261 -20.63 14.62 -6.72
CA GLY A 261 -21.13 13.25 -6.68
C GLY A 261 -22.56 13.14 -7.18
N TYR A 262 -23.39 14.15 -6.88
CA TYR A 262 -24.73 14.19 -7.45
C TYR A 262 -24.66 14.18 -8.97
N LYS A 263 -23.80 15.03 -9.53
CA LYS A 263 -23.63 15.05 -10.98
C LYS A 263 -23.13 13.70 -11.50
N ALA A 264 -22.22 13.08 -10.77
CA ALA A 264 -21.66 11.79 -11.19
C ALA A 264 -22.74 10.71 -11.25
N GLY A 265 -23.57 10.65 -10.22
CA GLY A 265 -24.66 9.68 -10.22
C GLY A 265 -25.65 9.93 -11.34
N MET A 266 -25.99 11.20 -11.56
CA MET A 266 -26.88 11.53 -12.68
C MET A 266 -26.29 11.06 -14.00
N ALA A 267 -24.98 11.30 -14.19
CA ALA A 267 -24.33 10.92 -15.45
C ALA A 267 -24.30 9.42 -15.64
N LYS A 268 -24.00 8.65 -14.58
CA LYS A 268 -23.93 7.21 -14.74
C LYS A 268 -25.31 6.60 -14.98
N GLY A 269 -26.34 7.15 -14.32
CA GLY A 269 -27.69 6.70 -14.62
C GLY A 269 -28.08 6.95 -16.06
N LEU A 270 -27.76 8.15 -16.56
CA LEU A 270 -28.04 8.45 -17.96
C LEU A 270 -27.26 7.53 -18.89
N GLY A 271 -26.02 7.22 -18.55
CA GLY A 271 -25.23 6.32 -19.40
C GLY A 271 -25.83 4.94 -19.49
N LEU A 272 -26.23 4.37 -18.35
CA LEU A 272 -26.88 3.06 -18.39
C LEU A 272 -28.18 3.12 -19.18
N GLY A 273 -28.98 4.15 -18.96
CA GLY A 273 -30.23 4.27 -19.70
C GLY A 273 -30.00 4.33 -21.20
N CYS A 274 -29.04 5.17 -21.62
CA CYS A 274 -28.80 5.33 -23.05
C CYS A 274 -28.25 4.06 -23.67
N THR A 275 -27.31 3.38 -23.01
CA THR A 275 -26.78 2.16 -23.60
C THR A 275 -27.85 1.07 -23.70
N TYR A 276 -28.72 0.96 -22.69
CA TYR A 276 -29.78 -0.04 -22.80
C TYR A 276 -30.80 0.35 -23.86
N GLY A 277 -31.08 1.65 -24.03
CA GLY A 277 -31.98 2.06 -25.09
C GLY A 277 -31.44 1.76 -26.47
N ILE A 278 -30.14 2.00 -26.66
CA ILE A 278 -29.51 1.67 -27.94
C ILE A 278 -29.54 0.16 -28.17
N ALA A 279 -29.33 -0.63 -27.12
CA ALA A 279 -29.43 -2.07 -27.26
C ALA A 279 -30.84 -2.49 -27.66
N CYS A 280 -31.85 -1.87 -27.06
CA CYS A 280 -33.24 -2.17 -27.42
C CYS A 280 -33.52 -1.82 -28.86
N MET A 281 -33.03 -0.66 -29.32
CA MET A 281 -33.22 -0.30 -30.73
C MET A 281 -32.53 -1.28 -31.67
N SER A 282 -31.32 -1.70 -31.31
CA SER A 282 -30.62 -2.72 -32.10
C SER A 282 -31.43 -3.99 -32.21
N TRP A 283 -31.92 -4.49 -31.07
CA TRP A 283 -32.71 -5.71 -31.10
C TRP A 283 -33.97 -5.53 -31.94
N ALA A 284 -34.62 -4.37 -31.82
CA ALA A 284 -35.83 -4.12 -32.58
C ALA A 284 -35.56 -4.17 -34.08
N LEU A 285 -34.52 -3.46 -34.53
CA LEU A 285 -34.22 -3.44 -35.96
C LEU A 285 -33.85 -4.83 -36.46
N VAL A 286 -33.03 -5.56 -35.70
CA VAL A 286 -32.60 -6.88 -36.13
C VAL A 286 -33.79 -7.83 -36.24
N PHE A 287 -34.67 -7.81 -35.22
CA PHE A 287 -35.84 -8.68 -35.26
C PHE A 287 -36.78 -8.32 -36.40
N TRP A 288 -36.97 -7.03 -36.65
CA TRP A 288 -37.86 -6.61 -37.73
C TRP A 288 -37.32 -7.06 -39.08
N TYR A 289 -36.03 -6.85 -39.33
CA TYR A 289 -35.48 -7.27 -40.62
C TYR A 289 -35.46 -8.79 -40.73
N ALA A 290 -35.23 -9.50 -39.63
CA ALA A 290 -35.36 -10.96 -39.67
C ALA A 290 -36.76 -11.36 -40.09
N GLY A 291 -37.78 -10.85 -39.40
CA GLY A 291 -39.14 -11.17 -39.76
C GLY A 291 -39.46 -10.83 -41.20
N VAL A 292 -38.82 -9.79 -41.74
CA VAL A 292 -38.91 -9.54 -43.17
C VAL A 292 -38.31 -10.70 -43.97
N PHE A 293 -37.14 -11.18 -43.53
CA PHE A 293 -36.43 -12.21 -44.30
C PHE A 293 -37.17 -13.54 -44.30
N ILE A 294 -37.69 -13.97 -43.14
CA ILE A 294 -38.45 -15.22 -43.11
C ILE A 294 -39.68 -15.12 -44.01
N ARG A 295 -40.29 -13.95 -44.07
CA ARG A 295 -41.48 -13.78 -44.89
C ARG A 295 -41.20 -14.05 -46.36
N ASN A 296 -40.05 -13.59 -46.86
CA ASN A 296 -39.68 -13.86 -48.25
C ASN A 296 -39.40 -15.34 -48.46
N GLY A 297 -38.59 -15.94 -47.58
CA GLY A 297 -38.28 -17.36 -47.70
C GLY A 297 -36.80 -17.66 -47.80
N GLN A 298 -35.95 -16.71 -47.42
CA GLN A 298 -34.51 -16.87 -47.50
C GLN A 298 -33.88 -17.36 -46.19
N THR A 299 -34.67 -17.55 -45.14
CA THR A 299 -34.13 -17.94 -43.84
C THR A 299 -35.22 -18.60 -43.03
N ASP A 300 -34.86 -19.63 -42.27
CA ASP A 300 -35.77 -20.30 -41.38
C ASP A 300 -35.80 -19.60 -40.02
N GLY A 301 -36.57 -20.16 -39.09
CA GLY A 301 -36.69 -19.58 -37.77
C GLY A 301 -35.60 -19.94 -36.79
N GLY A 302 -34.63 -20.77 -37.20
CA GLY A 302 -33.56 -21.17 -36.31
C GLY A 302 -32.22 -20.58 -36.68
N LYS A 303 -32.02 -20.33 -37.98
CA LYS A 303 -30.76 -19.77 -38.45
C LYS A 303 -30.56 -18.34 -37.94
N ALA A 304 -31.64 -17.55 -37.92
CA ALA A 304 -31.53 -16.16 -37.51
C ALA A 304 -31.04 -16.04 -36.08
N PHE A 305 -31.58 -16.87 -35.19
CA PHE A 305 -31.12 -16.90 -33.79
C PHE A 305 -29.62 -17.13 -33.74
N THR A 306 -29.14 -18.13 -34.49
CA THR A 306 -27.72 -18.46 -34.49
C THR A 306 -26.89 -17.27 -34.94
N ALA A 307 -27.26 -16.66 -36.07
CA ALA A 307 -26.48 -15.57 -36.63
C ALA A 307 -26.41 -14.39 -35.66
N ILE A 308 -27.57 -13.97 -35.15
CA ILE A 308 -27.61 -12.79 -34.28
C ILE A 308 -26.78 -13.02 -33.02
N PHE A 309 -27.01 -14.15 -32.35
CA PHE A 309 -26.33 -14.35 -31.08
C PHE A 309 -24.83 -14.58 -31.28
N SER A 310 -24.44 -15.22 -32.40
CA SER A 310 -23.03 -15.38 -32.71
C SER A 310 -22.35 -14.02 -32.88
N ALA A 311 -22.99 -13.11 -33.62
CA ALA A 311 -22.38 -11.80 -33.81
C ALA A 311 -22.24 -11.05 -32.49
N ILE A 312 -23.27 -11.10 -31.64
CA ILE A 312 -23.19 -10.35 -30.38
C ILE A 312 -22.10 -10.92 -29.47
N VAL A 313 -22.01 -12.24 -29.36
CA VAL A 313 -20.96 -12.81 -28.53
C VAL A 313 -19.58 -12.50 -29.12
N GLY A 314 -19.49 -12.37 -30.45
CA GLY A 314 -18.24 -11.90 -31.04
C GLY A 314 -17.88 -10.50 -30.58
N GLY A 315 -18.87 -9.62 -30.48
CA GLY A 315 -18.59 -8.28 -29.97
C GLY A 315 -18.02 -8.28 -28.56
N MET A 316 -18.66 -9.03 -27.65
CA MET A 316 -18.09 -9.11 -26.31
C MET A 316 -16.70 -9.76 -26.32
N SER A 317 -16.48 -10.69 -27.24
CA SER A 317 -15.16 -11.31 -27.37
C SER A 317 -14.10 -10.25 -27.67
N LEU A 318 -14.38 -9.36 -28.62
CA LEU A 318 -13.42 -8.30 -28.91
C LEU A 318 -13.16 -7.43 -27.69
N GLY A 319 -14.21 -7.10 -26.93
CA GLY A 319 -13.99 -6.30 -25.74
C GLY A 319 -12.98 -6.94 -24.79
N GLN A 320 -13.19 -8.22 -24.47
CA GLN A 320 -12.31 -8.88 -23.52
C GLN A 320 -10.88 -9.01 -24.09
N SER A 321 -10.77 -9.33 -25.38
CA SER A 321 -9.44 -9.47 -25.97
C SER A 321 -8.66 -8.15 -25.91
N PHE A 322 -9.34 -7.03 -26.13
CA PHE A 322 -8.66 -5.74 -26.06
C PHE A 322 -8.16 -5.45 -24.64
N SER A 323 -8.98 -5.78 -23.63
CA SER A 323 -8.50 -5.63 -22.26
C SER A 323 -7.23 -6.45 -22.03
N ASN A 324 -7.22 -7.70 -22.51
CA ASN A 324 -6.03 -8.53 -22.37
C ASN A 324 -4.83 -7.90 -23.07
N LEU A 325 -5.04 -7.27 -24.22
CA LEU A 325 -3.93 -6.64 -24.94
C LEU A 325 -3.30 -5.53 -24.12
N GLY A 326 -4.13 -4.71 -23.46
CA GLY A 326 -3.58 -3.68 -22.60
C GLY A 326 -2.73 -4.26 -21.48
N ALA A 327 -3.25 -5.31 -20.83
CA ALA A 327 -2.48 -5.96 -19.77
C ALA A 327 -1.14 -6.49 -20.30
N PHE A 328 -1.16 -7.04 -21.52
CA PHE A 328 0.07 -7.58 -22.11
C PHE A 328 1.11 -6.49 -22.33
N SER A 329 0.67 -5.32 -22.81
CA SER A 329 1.64 -4.24 -23.02
C SER A 329 2.30 -3.81 -21.72
N LYS A 330 1.49 -3.68 -20.65
CA LYS A 330 2.08 -3.34 -19.36
C LYS A 330 3.08 -4.39 -18.90
N GLY A 331 2.72 -5.67 -19.06
CA GLY A 331 3.64 -6.73 -18.70
C GLY A 331 4.92 -6.70 -19.52
N LYS A 332 4.83 -6.32 -20.79
CA LYS A 332 6.02 -6.22 -21.63
C LYS A 332 6.98 -5.19 -21.09
N ALA A 333 6.46 -4.00 -20.74
CA ALA A 333 7.32 -2.97 -20.16
C ALA A 333 8.00 -3.47 -18.89
N ALA A 334 7.22 -4.09 -18.01
CA ALA A 334 7.79 -4.62 -16.77
C ALA A 334 8.88 -5.66 -17.05
N GLY A 335 8.62 -6.55 -18.00
CA GLY A 335 9.58 -7.60 -18.32
C GLY A 335 10.89 -7.04 -18.84
N TYR A 336 10.82 -5.99 -19.65
CA TYR A 336 12.07 -5.32 -20.06
C TYR A 336 12.81 -4.77 -18.85
N LYS A 337 12.06 -4.13 -17.95
CA LYS A 337 12.71 -3.58 -16.75
C LYS A 337 13.44 -4.66 -15.97
N LEU A 338 12.84 -5.85 -15.87
CA LEU A 338 13.53 -6.95 -15.19
C LEU A 338 14.75 -7.42 -15.97
N MET A 339 14.59 -7.68 -17.27
CA MET A 339 15.67 -8.27 -18.05
C MET A 339 16.84 -7.32 -18.26
N GLU A 340 16.68 -6.04 -17.90
CA GLU A 340 17.82 -5.12 -17.98
C GLU A 340 18.99 -5.59 -17.12
N ILE A 341 18.72 -6.08 -15.92
CA ILE A 341 19.78 -6.36 -14.95
C ILE A 341 20.54 -7.63 -15.32
N ILE A 342 19.83 -8.66 -15.81
CA ILE A 342 20.42 -10.00 -15.91
C ILE A 342 21.66 -9.99 -16.80
N ASN A 343 21.59 -9.32 -17.94
CA ASN A 343 22.65 -9.41 -18.93
C ASN A 343 23.84 -8.50 -18.64
N GLN A 344 23.78 -7.68 -17.59
CA GLN A 344 24.87 -6.77 -17.28
C GLN A 344 26.14 -7.52 -16.94
N ARG A 345 27.15 -7.41 -17.80
CA ARG A 345 28.40 -8.12 -17.58
C ARG A 345 29.14 -7.51 -16.39
N PRO A 346 29.65 -8.31 -15.46
CA PRO A 346 30.36 -7.76 -14.31
C PRO A 346 31.82 -7.47 -14.64
N THR A 347 32.48 -6.77 -13.71
CA THR A 347 33.89 -6.42 -13.87
C THR A 347 34.80 -7.50 -13.29
N ILE A 348 34.64 -7.79 -11.99
CA ILE A 348 35.46 -8.80 -11.34
C ILE A 348 34.88 -10.18 -11.64
N ILE A 349 35.74 -11.09 -12.09
CA ILE A 349 35.32 -12.43 -12.49
C ILE A 349 36.03 -13.44 -11.59
N GLN A 350 35.25 -14.35 -11.00
CA GLN A 350 35.78 -15.45 -10.22
C GLN A 350 35.74 -16.70 -11.08
N ASP A 351 36.90 -17.31 -11.32
CA ASP A 351 36.97 -18.46 -12.22
C ASP A 351 38.15 -19.36 -11.86
N PRO A 352 37.89 -20.60 -11.46
CA PRO A 352 39.00 -21.53 -11.17
C PRO A 352 39.89 -21.80 -12.36
N LEU A 353 39.33 -21.80 -13.58
CA LEU A 353 40.13 -22.13 -14.76
C LEU A 353 41.19 -21.07 -15.04
N ASP A 354 40.92 -19.81 -14.69
CA ASP A 354 41.86 -18.72 -14.91
C ASP A 354 42.44 -18.18 -13.61
N GLY A 355 41.59 -17.77 -12.67
CA GLY A 355 42.05 -17.28 -11.40
C GLY A 355 42.78 -18.34 -10.59
N LYS A 356 43.97 -18.00 -10.10
CA LYS A 356 44.77 -18.92 -9.32
C LYS A 356 44.58 -18.66 -7.83
N CYS A 357 45.32 -19.40 -7.01
CA CYS A 357 45.23 -19.27 -5.56
C CYS A 357 46.59 -19.60 -4.96
N LEU A 358 46.76 -19.18 -3.71
CA LEU A 358 48.00 -19.38 -2.97
C LEU A 358 47.72 -20.21 -1.71
N ASP A 359 48.73 -20.34 -0.86
CA ASP A 359 48.59 -21.06 0.39
C ASP A 359 49.49 -20.42 1.44
N GLN A 360 49.08 -20.55 2.70
CA GLN A 360 49.83 -20.02 3.85
C GLN A 360 50.07 -18.51 3.70
N VAL A 361 48.96 -17.77 3.68
CA VAL A 361 49.02 -16.31 3.51
C VAL A 361 49.58 -15.67 4.77
N HIS A 362 49.94 -14.39 4.66
CA HIS A 362 50.53 -13.66 5.78
C HIS A 362 49.83 -12.35 6.10
N GLY A 363 48.89 -11.89 5.27
CA GLY A 363 48.19 -10.65 5.55
C GLY A 363 49.00 -9.39 5.33
N ASN A 364 50.02 -9.45 4.49
CA ASN A 364 50.87 -8.28 4.22
C ASN A 364 50.19 -7.42 3.15
N ILE A 365 49.23 -6.61 3.61
CA ILE A 365 48.48 -5.73 2.71
C ILE A 365 49.28 -4.46 2.47
N GLU A 366 49.52 -4.14 1.20
CA GLU A 366 50.26 -2.94 0.82
C GLU A 366 49.58 -2.28 -0.36
N PHE A 367 49.48 -0.94 -0.31
CA PHE A 367 48.90 -0.15 -1.37
C PHE A 367 50.02 0.62 -2.06
N LYS A 368 50.12 0.46 -3.38
CA LYS A 368 51.17 1.09 -4.18
C LYS A 368 50.52 1.96 -5.26
N ASP A 369 50.52 3.27 -5.04
CA ASP A 369 49.98 4.25 -5.99
C ASP A 369 48.56 3.89 -6.41
N VAL A 370 47.67 3.87 -5.42
CA VAL A 370 46.28 3.47 -5.61
C VAL A 370 45.46 4.73 -5.88
N THR A 371 44.83 4.78 -7.05
CA THR A 371 43.93 5.86 -7.43
C THR A 371 42.62 5.27 -7.93
N PHE A 372 41.50 5.87 -7.53
CA PHE A 372 40.20 5.36 -7.90
C PHE A 372 39.17 6.48 -7.82
N SER A 373 38.15 6.38 -8.68
CA SER A 373 36.99 7.26 -8.64
C SER A 373 35.74 6.40 -8.79
N TYR A 374 34.64 6.89 -8.23
CA TYR A 374 33.39 6.13 -8.24
C TYR A 374 32.89 5.96 -9.68
N PRO A 375 32.63 4.73 -10.12
CA PRO A 375 32.18 4.54 -11.51
C PRO A 375 30.88 5.23 -11.83
N SER A 376 29.96 5.34 -10.87
CA SER A 376 28.69 6.00 -11.12
C SER A 376 28.88 7.48 -11.48
N ARG A 377 29.79 8.15 -10.78
CA ARG A 377 30.07 9.57 -11.04
C ARG A 377 31.55 9.83 -10.72
N PRO A 378 32.41 9.91 -11.74
CA PRO A 378 33.84 10.08 -11.50
C PRO A 378 34.29 11.54 -11.44
N ASP A 379 33.37 12.50 -11.45
CA ASP A 379 33.77 13.91 -11.43
C ASP A 379 34.51 14.24 -10.13
N VAL A 380 34.08 13.67 -9.02
CA VAL A 380 34.74 13.91 -7.73
C VAL A 380 35.97 13.01 -7.62
N MET A 381 36.88 13.39 -6.74
CA MET A 381 38.10 12.64 -6.47
C MET A 381 38.04 12.04 -5.06
N ILE A 382 38.46 10.79 -4.93
CA ILE A 382 38.36 10.08 -3.66
C ILE A 382 39.74 9.69 -3.16
N PHE A 383 40.47 8.88 -3.94
CA PHE A 383 41.77 8.36 -3.53
C PHE A 383 42.88 8.80 -4.47
N ARG A 384 42.93 10.09 -4.80
CA ARG A 384 44.01 10.61 -5.61
C ARG A 384 45.35 10.41 -4.92
N ASN A 385 46.18 9.52 -5.47
CA ASN A 385 47.48 9.17 -4.89
C ASN A 385 47.33 8.67 -3.46
N PHE A 386 46.60 7.56 -3.33
CA PHE A 386 46.36 6.93 -2.04
C PHE A 386 47.42 5.86 -1.81
N ASN A 387 48.13 5.95 -0.68
CA ASN A 387 49.23 5.03 -0.40
C ASN A 387 49.33 4.84 1.11
N ILE A 388 48.85 3.70 1.60
CA ILE A 388 48.98 3.33 3.01
C ILE A 388 49.40 1.86 3.06
N PHE A 389 49.95 1.47 4.21
CA PHE A 389 50.43 0.11 4.43
C PHE A 389 49.74 -0.50 5.63
N PHE A 390 49.38 -1.78 5.51
CA PHE A 390 48.78 -2.53 6.60
C PHE A 390 49.74 -3.61 7.07
N PRO A 391 50.26 -3.53 8.30
CA PRO A 391 51.17 -4.56 8.78
C PRO A 391 50.47 -5.88 9.07
N SER A 392 51.23 -6.91 9.40
CA SER A 392 50.71 -8.24 9.67
C SER A 392 50.72 -8.51 11.16
N GLY A 393 49.61 -8.98 11.69
CA GLY A 393 49.51 -9.29 13.11
C GLY A 393 49.38 -8.08 14.00
N LYS A 394 49.07 -6.91 13.44
CA LYS A 394 48.92 -5.68 14.21
C LYS A 394 47.56 -5.06 13.91
N THR A 395 47.31 -3.90 14.51
CA THR A 395 46.06 -3.17 14.31
C THR A 395 46.37 -1.76 13.83
N VAL A 396 45.56 -1.27 12.90
CA VAL A 396 45.67 0.10 12.42
C VAL A 396 44.29 0.76 12.50
N ALA A 397 44.30 2.08 12.63
CA ALA A 397 43.07 2.86 12.77
C ALA A 397 43.04 3.91 11.68
N VAL A 398 42.08 3.81 10.77
CA VAL A 398 41.88 4.77 9.69
C VAL A 398 40.63 5.57 10.02
N VAL A 399 40.80 6.88 10.23
CA VAL A 399 39.70 7.77 10.60
C VAL A 399 39.83 9.06 9.78
N GLY A 400 38.69 9.55 9.29
CA GLY A 400 38.67 10.80 8.56
C GLY A 400 37.69 11.80 9.15
N GLY A 401 37.91 13.09 8.90
CA GLY A 401 37.05 14.11 9.45
C GLY A 401 35.68 14.17 8.80
N SER A 402 35.56 13.71 7.56
CA SER A 402 34.29 13.71 6.84
C SER A 402 34.31 12.54 5.86
N GLY A 403 33.38 12.55 4.91
CA GLY A 403 33.30 11.51 3.92
C GLY A 403 34.35 11.64 2.83
N SER A 404 35.62 11.42 3.21
CA SER A 404 36.74 11.53 2.28
C SER A 404 37.27 10.16 1.86
N GLY A 405 36.49 9.11 2.05
CA GLY A 405 36.91 7.76 1.70
C GLY A 405 37.35 6.89 2.87
N LYS A 406 37.08 7.31 4.11
CA LYS A 406 37.48 6.48 5.25
C LYS A 406 36.72 5.16 5.28
N SER A 407 35.46 5.16 4.84
CA SER A 407 34.68 3.94 4.73
C SER A 407 34.86 3.26 3.37
N THR A 408 35.73 3.79 2.52
CA THR A 408 35.97 3.22 1.21
C THR A 408 37.16 2.27 1.18
N VAL A 409 38.07 2.38 2.16
CA VAL A 409 39.22 1.49 2.19
C VAL A 409 38.78 0.04 2.38
N VAL A 410 37.75 -0.17 3.20
CA VAL A 410 37.19 -1.51 3.34
C VAL A 410 36.55 -1.96 2.04
N SER A 411 35.93 -1.03 1.31
CA SER A 411 35.38 -1.30 0.00
C SER A 411 36.44 -1.36 -1.09
N LEU A 412 37.71 -1.36 -0.72
CA LEU A 412 38.81 -1.49 -1.65
C LEU A 412 39.71 -2.69 -1.37
N ILE A 413 39.93 -3.02 -0.09
CA ILE A 413 40.68 -4.22 0.23
C ILE A 413 39.89 -5.47 -0.13
N GLU A 414 38.57 -5.43 0.07
CA GLU A 414 37.65 -6.55 -0.15
C GLU A 414 37.40 -6.85 -1.61
N ARG A 415 38.16 -6.27 -2.55
CA ARG A 415 37.91 -6.44 -3.98
C ARG A 415 36.50 -5.96 -4.38
N PHE A 416 35.96 -5.00 -3.62
CA PHE A 416 34.67 -4.43 -3.97
C PHE A 416 34.79 -3.47 -5.16
N TYR A 417 35.90 -2.74 -5.25
CA TYR A 417 36.14 -1.81 -6.35
C TYR A 417 37.52 -2.10 -6.94
N ASP A 418 37.56 -2.29 -8.25
CA ASP A 418 38.84 -2.47 -8.93
C ASP A 418 39.57 -1.14 -9.03
N PRO A 419 40.84 -1.06 -8.63
CA PRO A 419 41.59 0.18 -8.83
C PRO A 419 41.83 0.46 -10.30
N ASN A 420 41.18 1.50 -10.84
CA ASN A 420 41.29 1.80 -12.26
C ASN A 420 42.69 2.23 -12.68
N SER A 421 43.50 2.71 -11.73
CA SER A 421 44.87 3.10 -12.04
C SER A 421 45.71 2.87 -10.77
N GLY A 422 46.40 1.75 -10.73
CA GLY A 422 47.21 1.42 -9.58
C GLY A 422 47.38 -0.08 -9.46
N GLN A 423 48.14 -0.48 -8.44
CA GLN A 423 48.41 -1.89 -8.18
C GLN A 423 48.44 -2.13 -6.68
N ILE A 424 47.90 -3.28 -6.26
CA ILE A 424 47.86 -3.68 -4.86
C ILE A 424 48.40 -5.11 -4.77
N LEU A 425 49.33 -5.33 -3.85
CA LEU A 425 49.98 -6.62 -3.70
C LEU A 425 49.71 -7.18 -2.31
N LEU A 426 49.56 -8.50 -2.22
CA LEU A 426 49.37 -9.21 -0.97
C LEU A 426 50.59 -10.09 -0.75
N ASP A 427 51.43 -9.69 0.20
CA ASP A 427 52.66 -10.43 0.52
C ASP A 427 53.52 -10.62 -0.73
N GLY A 428 53.56 -9.58 -1.56
CA GLY A 428 54.28 -9.65 -2.81
C GLY A 428 53.53 -10.26 -3.97
N VAL A 429 52.24 -10.58 -3.80
CA VAL A 429 51.43 -11.19 -4.84
C VAL A 429 50.26 -10.26 -5.13
N GLU A 430 50.18 -9.78 -6.37
CA GLU A 430 49.15 -8.82 -6.75
C GLU A 430 47.80 -9.52 -6.82
N ILE A 431 46.73 -8.80 -6.43
CA ILE A 431 45.47 -9.45 -6.06
C ILE A 431 44.44 -9.51 -7.18
N LYS A 432 44.72 -8.94 -8.36
CA LYS A 432 43.74 -9.05 -9.43
C LYS A 432 43.69 -10.43 -10.08
N THR A 433 44.59 -11.34 -9.72
CA THR A 433 44.60 -12.69 -10.27
C THR A 433 44.28 -13.73 -9.19
N LEU A 434 43.35 -13.37 -8.31
CA LEU A 434 42.89 -14.27 -7.24
C LEU A 434 41.37 -14.34 -7.29
N GLN A 435 40.84 -15.56 -7.26
CA GLN A 435 39.40 -15.75 -7.34
C GLN A 435 38.72 -15.30 -6.05
N LEU A 436 37.44 -14.94 -6.17
CA LEU A 436 36.63 -14.53 -5.03
C LEU A 436 36.00 -15.71 -4.32
N LYS A 437 36.82 -16.73 -4.03
CA LYS A 437 36.41 -17.82 -3.16
C LYS A 437 37.51 -18.22 -2.20
N PHE A 438 38.69 -17.62 -2.31
CA PHE A 438 39.82 -17.89 -1.42
C PHE A 438 40.26 -16.66 -0.66
N LEU A 439 40.41 -15.51 -1.34
CA LEU A 439 40.79 -14.29 -0.67
C LEU A 439 39.73 -13.85 0.34
N ARG A 440 38.48 -13.76 -0.11
CA ARG A 440 37.41 -13.36 0.79
C ARG A 440 37.17 -14.41 1.88
N GLU A 441 37.50 -15.68 1.61
CA GLU A 441 37.34 -16.72 2.60
C GLU A 441 38.30 -16.55 3.78
N GLN A 442 39.36 -15.77 3.62
CA GLN A 442 40.34 -15.55 4.67
C GLN A 442 40.14 -14.22 5.40
N ILE A 443 39.01 -13.55 5.15
CA ILE A 443 38.75 -12.23 5.71
C ILE A 443 37.41 -12.22 6.40
N GLY A 444 37.36 -11.62 7.59
CA GLY A 444 36.12 -11.44 8.33
C GLY A 444 35.78 -9.96 8.41
N LEU A 445 34.50 -9.65 8.21
CA LEU A 445 34.05 -8.27 8.13
C LEU A 445 32.74 -8.10 8.90
N VAL A 446 32.62 -6.96 9.59
CA VAL A 446 31.38 -6.56 10.25
C VAL A 446 31.02 -5.17 9.76
N ASN A 447 29.71 -4.94 9.59
CA ASN A 447 29.23 -3.69 8.99
C ASN A 447 28.24 -3.03 9.94
N GLN A 448 27.73 -1.87 9.50
CA GLN A 448 26.74 -1.14 10.29
C GLN A 448 25.46 -1.95 10.41
N GLU A 449 24.98 -2.08 11.66
CA GLU A 449 23.74 -2.76 12.02
C GLU A 449 23.57 -4.04 11.20
N PRO A 450 24.38 -5.08 11.49
CA PRO A 450 24.32 -6.30 10.66
C PRO A 450 22.94 -6.92 10.62
N ALA A 451 22.32 -6.91 9.45
CA ALA A 451 20.98 -7.47 9.29
C ALA A 451 21.02 -8.98 9.43
N LEU A 452 19.94 -9.54 9.99
CA LEU A 452 19.81 -10.97 10.19
C LEU A 452 18.66 -11.49 9.36
N PHE A 453 18.92 -12.55 8.60
CA PHE A 453 17.89 -13.14 7.74
C PHE A 453 16.81 -13.78 8.59
N ALA A 454 15.60 -13.86 8.02
CA ALA A 454 14.46 -14.40 8.74
C ALA A 454 14.54 -15.92 8.84
N THR A 455 15.55 -16.41 9.55
CA THR A 455 15.72 -17.84 9.79
C THR A 455 16.02 -18.08 11.26
N THR A 456 16.34 -19.32 11.62
CA THR A 456 16.70 -19.61 13.00
C THR A 456 18.08 -19.03 13.33
N ILE A 457 18.36 -18.94 14.62
CA ILE A 457 19.65 -18.41 15.07
C ILE A 457 20.79 -19.30 14.59
N LEU A 458 20.60 -20.62 14.62
CA LEU A 458 21.66 -21.53 14.22
C LEU A 458 22.07 -21.36 12.77
N GLU A 459 21.15 -20.93 11.89
CA GLU A 459 21.51 -20.67 10.50
C GLU A 459 22.50 -19.51 10.41
N ASN A 460 22.33 -18.47 11.23
CA ASN A 460 23.21 -17.31 11.16
C ASN A 460 24.66 -17.70 11.46
N ILE A 461 24.86 -18.61 12.41
CA ILE A 461 26.20 -19.08 12.73
C ILE A 461 26.79 -19.84 11.54
N LEU A 462 25.96 -20.59 10.81
CA LEU A 462 26.44 -21.43 9.72
C LEU A 462 26.95 -20.64 8.53
N TYR A 463 26.75 -19.32 8.50
CA TYR A 463 27.31 -18.53 7.41
C TYR A 463 28.83 -18.58 7.41
N GLY A 464 29.46 -18.55 8.58
CA GLY A 464 30.91 -18.61 8.64
C GLY A 464 31.48 -19.98 8.34
N LYS A 465 30.69 -21.03 8.46
CA LYS A 465 31.13 -22.39 8.19
C LYS A 465 29.95 -23.22 7.71
N PRO A 466 29.99 -23.79 6.50
CA PRO A 466 28.81 -24.49 5.98
C PRO A 466 28.42 -25.71 6.80
N ASP A 467 29.32 -26.69 6.92
CA ASP A 467 29.03 -27.87 7.74
C ASP A 467 30.36 -28.56 8.06
N ALA A 468 30.80 -28.46 9.31
CA ALA A 468 31.91 -29.26 9.80
C ALA A 468 31.51 -30.13 10.99
N THR A 469 30.97 -29.54 12.04
CA THR A 469 30.44 -30.27 13.20
C THR A 469 29.68 -29.25 14.06
N MET A 470 29.20 -29.71 15.21
CA MET A 470 28.38 -28.90 16.10
C MET A 470 29.11 -28.40 17.34
N VAL A 471 30.13 -29.12 17.81
CA VAL A 471 30.81 -28.74 19.04
C VAL A 471 31.49 -27.38 18.89
N GLU A 472 32.09 -27.12 17.72
CA GLU A 472 32.76 -25.86 17.50
C GLU A 472 31.77 -24.70 17.47
N VAL A 473 30.52 -24.97 17.05
CA VAL A 473 29.50 -23.94 17.04
C VAL A 473 29.22 -23.46 18.46
N GLU A 474 29.09 -24.40 19.40
CA GLU A 474 28.86 -24.04 20.79
C GLU A 474 30.11 -23.44 21.42
N ALA A 475 31.30 -23.93 21.05
CA ALA A 475 32.53 -23.41 21.63
C ALA A 475 32.78 -21.97 21.21
N ALA A 476 32.64 -21.65 19.92
CA ALA A 476 32.90 -20.30 19.45
C ALA A 476 31.86 -19.32 20.00
N ALA A 477 30.59 -19.73 20.05
CA ALA A 477 29.55 -18.85 20.56
C ALA A 477 29.70 -18.58 22.06
N SER A 478 30.44 -19.43 22.77
CA SER A 478 30.64 -19.20 24.20
C SER A 478 31.38 -17.89 24.46
N ALA A 479 32.42 -17.62 23.67
CA ALA A 479 33.17 -16.37 23.78
C ALA A 479 32.59 -15.29 22.87
N ALA A 480 31.28 -15.09 22.97
CA ALA A 480 30.61 -14.09 22.16
C ALA A 480 29.55 -13.32 22.94
N ASN A 481 29.45 -13.51 24.25
CA ASN A 481 28.46 -12.85 25.11
C ASN A 481 27.03 -13.14 24.65
N ALA A 482 26.81 -14.33 24.10
CA ALA A 482 25.49 -14.72 23.62
C ALA A 482 25.06 -16.11 24.05
N HIS A 483 25.95 -16.91 24.65
CA HIS A 483 25.56 -18.24 25.11
C HIS A 483 24.48 -18.17 26.19
N SER A 484 24.52 -17.12 27.02
CA SER A 484 23.47 -16.94 28.02
C SER A 484 22.17 -16.47 27.39
N PHE A 485 22.26 -15.57 26.41
CA PHE A 485 21.05 -15.02 25.80
C PHE A 485 20.28 -16.08 25.03
N ILE A 486 20.99 -16.94 24.29
CA ILE A 486 20.32 -17.98 23.52
C ILE A 486 19.62 -18.99 24.42
N THR A 487 20.08 -19.16 25.66
CA THR A 487 19.42 -20.05 26.60
C THR A 487 18.10 -19.49 27.11
N LEU A 488 17.85 -18.19 26.94
CA LEU A 488 16.59 -17.59 27.36
C LEU A 488 15.55 -17.70 26.26
N LEU A 489 15.35 -18.94 25.79
CA LEU A 489 14.41 -19.27 24.74
C LEU A 489 13.92 -20.70 24.92
N PRO A 490 12.61 -20.93 25.06
CA PRO A 490 12.07 -22.28 25.23
C PRO A 490 12.00 -23.08 23.93
N LYS A 491 13.08 -23.02 23.15
CA LYS A 491 13.16 -23.74 21.89
C LYS A 491 14.61 -24.19 21.67
N GLY A 492 14.76 -25.23 20.87
CA GLY A 492 16.08 -25.78 20.60
C GLY A 492 16.83 -25.02 19.52
N TYR A 493 17.36 -23.85 19.88
CA TYR A 493 18.06 -22.98 18.93
C TYR A 493 17.16 -22.63 17.74
N ASP A 494 15.88 -22.40 18.02
CA ASP A 494 14.90 -22.06 16.98
C ASP A 494 14.25 -20.74 17.33
N THR A 495 14.37 -19.76 16.44
CA THR A 495 13.78 -18.46 16.64
C THR A 495 13.50 -17.83 15.29
N GLN A 496 12.26 -17.42 15.06
CA GLN A 496 11.85 -16.81 13.80
C GLN A 496 11.80 -15.30 14.00
N VAL A 497 12.82 -14.60 13.51
CA VAL A 497 12.86 -13.16 13.64
C VAL A 497 11.87 -12.48 12.71
N GLY A 498 11.44 -13.15 11.64
CA GLY A 498 10.46 -12.61 10.73
C GLY A 498 9.09 -12.48 11.37
N GLU A 499 8.49 -13.62 11.71
CA GLU A 499 7.24 -13.63 12.45
C GLU A 499 7.52 -13.21 13.89
N ARG A 500 7.13 -11.99 14.25
CA ARG A 500 7.49 -11.41 15.55
C ARG A 500 6.59 -11.98 16.65
N GLY A 501 6.80 -13.26 16.92
CA GLY A 501 6.18 -13.89 18.07
C GLY A 501 6.99 -13.62 19.32
N VAL A 502 8.30 -13.84 19.23
CA VAL A 502 9.25 -13.44 20.26
C VAL A 502 9.99 -12.22 19.74
N GLN A 503 9.78 -11.08 20.39
CA GLN A 503 10.29 -9.80 19.91
C GLN A 503 11.62 -9.50 20.58
N LEU A 504 12.69 -10.07 20.02
CA LEU A 504 14.05 -9.73 20.45
C LEU A 504 14.63 -8.59 19.60
N SER A 505 13.85 -7.53 19.47
CA SER A 505 14.19 -6.37 18.64
C SER A 505 14.59 -5.17 19.49
N GLY A 506 15.31 -5.40 20.59
CA GLY A 506 15.75 -4.31 21.43
C GLY A 506 16.85 -3.50 20.80
N GLY A 507 17.14 -2.36 21.42
CA GLY A 507 18.17 -1.48 20.91
C GLY A 507 19.55 -2.13 20.88
N GLN A 508 19.84 -2.98 21.87
CA GLN A 508 21.08 -3.73 21.91
C GLN A 508 20.83 -5.10 21.29
N LYS A 509 20.79 -5.13 19.96
CA LYS A 509 20.58 -6.38 19.25
C LYS A 509 21.77 -7.31 19.49
N GLN A 510 21.48 -8.62 19.47
CA GLN A 510 22.52 -9.60 19.76
C GLN A 510 23.61 -9.57 18.71
N ARG A 511 24.86 -9.60 19.16
CA ARG A 511 26.02 -9.47 18.29
C ARG A 511 26.43 -10.85 17.75
N ILE A 512 25.48 -11.48 17.06
CA ILE A 512 25.72 -12.78 16.46
C ILE A 512 26.75 -12.70 15.35
N ALA A 513 26.98 -11.51 14.80
CA ALA A 513 28.00 -11.34 13.76
C ALA A 513 29.38 -11.64 14.32
N ILE A 514 29.64 -11.27 15.56
CA ILE A 514 30.91 -11.59 16.20
C ILE A 514 31.10 -13.10 16.27
N ALA A 515 30.04 -13.82 16.66
CA ALA A 515 30.14 -15.28 16.74
C ALA A 515 30.37 -15.90 15.37
N ARG A 516 29.65 -15.43 14.35
CA ARG A 516 29.83 -16.00 13.02
C ARG A 516 31.19 -15.67 12.45
N ALA A 517 31.79 -14.56 12.87
CA ALA A 517 33.17 -14.28 12.51
C ALA A 517 34.13 -15.21 13.25
N MET A 518 33.84 -15.49 14.52
CA MET A 518 34.70 -16.38 15.29
C MET A 518 34.72 -17.79 14.69
N LEU A 519 33.56 -18.28 14.26
CA LEU A 519 33.49 -19.63 13.70
C LEU A 519 34.35 -19.76 12.45
N LYS A 520 34.34 -18.75 11.59
CA LYS A 520 35.09 -18.83 10.34
C LYS A 520 36.59 -18.81 10.57
N ASP A 521 37.04 -18.17 11.64
CA ASP A 521 38.46 -17.99 11.95
C ASP A 521 39.21 -17.36 10.80
N PRO A 522 38.97 -16.08 10.47
CA PRO A 522 39.68 -15.44 9.37
C PRO A 522 41.02 -14.87 9.82
N LYS A 523 42.01 -14.98 8.94
CA LYS A 523 43.30 -14.35 9.21
C LYS A 523 43.18 -12.83 9.21
N ILE A 524 42.41 -12.27 8.28
CA ILE A 524 42.23 -10.83 8.15
C ILE A 524 40.88 -10.45 8.72
N LEU A 525 40.83 -9.31 9.41
CA LEU A 525 39.62 -8.84 10.08
C LEU A 525 39.42 -7.35 9.81
N LEU A 526 38.62 -7.02 8.80
CA LEU A 526 38.22 -5.65 8.54
C LEU A 526 37.16 -5.20 9.54
N LEU A 527 37.22 -3.92 9.89
CA LEU A 527 36.27 -3.32 10.82
C LEU A 527 35.58 -2.12 10.17
N ASP A 528 34.44 -1.74 10.74
CA ASP A 528 33.64 -0.65 10.22
C ASP A 528 33.06 0.13 11.40
N GLU A 529 32.46 1.28 11.09
CA GLU A 529 31.84 2.14 12.11
C GLU A 529 30.52 1.54 12.59
N ALA A 530 30.63 0.43 13.31
CA ALA A 530 29.43 -0.24 13.79
C ALA A 530 29.00 0.28 15.17
N THR A 531 28.92 1.62 15.29
CA THR A 531 28.37 2.29 16.46
C THR A 531 27.57 3.49 15.96
N SER A 532 26.30 3.26 15.63
CA SER A 532 25.41 4.34 15.21
C SER A 532 24.01 4.15 15.77
N ALA A 533 23.88 3.46 16.89
CA ALA A 533 22.60 3.15 17.50
C ALA A 533 22.46 3.81 18.87
N LEU A 534 22.86 5.07 18.97
CA LEU A 534 22.79 5.83 20.22
C LEU A 534 23.58 5.12 21.33
N ASP A 535 24.90 5.09 21.11
CA ASP A 535 25.79 4.29 21.95
C ASP A 535 25.64 4.66 23.42
N ALA A 536 25.59 3.63 24.25
CA ALA A 536 25.41 3.77 25.70
C ALA A 536 26.15 2.60 26.36
N SER A 537 25.80 2.32 27.62
CA SER A 537 26.38 1.18 28.30
C SER A 537 26.12 -0.11 27.53
N SER A 538 24.95 -0.23 26.92
CA SER A 538 24.65 -1.40 26.09
C SER A 538 25.64 -1.52 24.94
N GLU A 539 25.95 -0.40 24.28
CA GLU A 539 26.96 -0.38 23.23
C GLU A 539 28.37 -0.36 23.79
N SER A 540 28.54 -0.08 25.09
CA SER A 540 29.84 -0.18 25.72
C SER A 540 30.16 -1.59 26.20
N ILE A 541 29.17 -2.48 26.21
CA ILE A 541 29.44 -3.87 26.56
C ILE A 541 30.30 -4.53 25.49
N VAL A 542 30.04 -4.21 24.22
CA VAL A 542 30.69 -4.89 23.11
C VAL A 542 32.16 -4.57 22.95
N GLN A 543 32.67 -3.59 23.71
CA GLN A 543 34.07 -3.20 23.55
C GLN A 543 35.01 -4.33 23.94
N GLU A 544 34.69 -5.06 25.01
CA GLU A 544 35.54 -6.17 25.42
C GLU A 544 35.47 -7.31 24.41
N ALA A 545 34.28 -7.59 23.87
CA ALA A 545 34.15 -8.62 22.84
C ALA A 545 34.97 -8.27 21.61
N LEU A 546 34.94 -6.98 21.22
CA LEU A 546 35.77 -6.54 20.09
C LEU A 546 37.24 -6.64 20.42
N ASP A 547 37.63 -6.29 21.65
CA ASP A 547 39.05 -6.29 22.00
C ASP A 547 39.59 -7.69 22.22
N ARG A 548 38.71 -8.69 22.34
CA ARG A 548 39.18 -10.05 22.58
C ARG A 548 39.69 -10.74 21.32
N VAL A 549 39.61 -10.13 20.14
CA VAL A 549 39.88 -10.87 18.91
C VAL A 549 41.28 -10.61 18.35
N MET A 550 41.74 -9.36 18.37
CA MET A 550 42.95 -9.01 17.62
C MET A 550 44.21 -9.58 18.31
N VAL A 551 44.32 -10.89 18.25
CA VAL A 551 45.52 -11.61 18.68
C VAL A 551 45.96 -12.52 17.54
N GLY A 552 47.20 -12.33 17.07
CA GLY A 552 47.70 -13.12 15.98
C GLY A 552 46.94 -12.98 14.68
N ARG A 553 46.29 -11.84 14.46
CA ARG A 553 45.47 -11.62 13.27
C ARG A 553 45.83 -10.27 12.65
N THR A 554 45.75 -10.23 11.32
CA THR A 554 46.00 -9.00 10.56
C THR A 554 44.67 -8.25 10.45
N THR A 555 44.40 -7.39 11.42
CA THR A 555 43.13 -6.69 11.50
C THR A 555 43.35 -5.19 11.43
N VAL A 556 42.25 -4.47 11.15
CA VAL A 556 42.26 -3.02 11.05
C VAL A 556 41.13 -2.48 11.92
N VAL A 557 41.10 -1.16 12.05
CA VAL A 557 40.00 -0.46 12.71
C VAL A 557 39.60 0.72 11.84
N VAL A 558 38.30 0.81 11.53
CA VAL A 558 37.74 1.94 10.78
C VAL A 558 36.63 2.54 11.63
N ALA A 559 36.83 3.77 12.08
CA ALA A 559 35.91 4.41 13.01
C ALA A 559 35.66 5.85 12.60
N HIS A 560 34.51 6.37 13.02
CA HIS A 560 34.13 7.76 12.80
C HIS A 560 34.30 8.63 14.02
N ARG A 561 34.02 8.10 15.21
CA ARG A 561 34.17 8.83 16.45
C ARG A 561 35.34 8.25 17.25
N LEU A 562 36.10 9.13 17.89
CA LEU A 562 37.30 8.74 18.61
C LEU A 562 37.05 8.46 20.08
N CYS A 563 35.79 8.22 20.46
CA CYS A 563 35.49 7.94 21.86
C CYS A 563 36.08 6.60 22.30
N THR A 564 36.02 5.58 21.44
CA THR A 564 36.49 4.25 21.75
C THR A 564 37.74 3.86 20.97
N ILE A 565 38.48 4.85 20.46
CA ILE A 565 39.70 4.60 19.71
C ILE A 565 40.89 4.61 20.67
N ARG A 566 40.59 4.63 21.97
CA ARG A 566 41.63 4.83 22.98
C ARG A 566 42.66 3.72 23.00
N ASN A 567 42.33 2.53 22.50
CA ASN A 567 43.24 1.38 22.51
C ASN A 567 43.57 0.99 21.08
N VAL A 568 44.54 1.70 20.49
CA VAL A 568 45.07 1.38 19.18
C VAL A 568 46.59 1.55 19.22
N ASP A 569 47.33 0.57 18.70
CA ASP A 569 48.78 0.62 18.71
C ASP A 569 49.37 1.35 17.50
N SER A 570 48.56 1.70 16.50
CA SER A 570 49.06 2.40 15.33
C SER A 570 47.88 3.07 14.64
N ILE A 571 47.92 4.39 14.52
CA ILE A 571 46.83 5.17 13.93
C ILE A 571 47.37 5.95 12.74
N ALA A 572 46.67 5.84 11.60
CA ALA A 572 46.99 6.59 10.40
C ALA A 572 45.77 7.40 9.98
N VAL A 573 45.98 8.69 9.74
CA VAL A 573 44.89 9.61 9.45
C VAL A 573 45.04 10.12 8.02
N ILE A 574 43.97 9.99 7.23
CA ILE A 574 43.90 10.50 5.87
C ILE A 574 42.99 11.73 5.87
N GLN A 575 43.34 12.72 5.05
CA GLN A 575 42.55 13.94 4.97
C GLN A 575 42.00 14.20 3.57
N GLN A 576 42.83 14.12 2.54
CA GLN A 576 42.37 14.43 1.17
C GLN A 576 43.17 13.56 0.20
N GLY A 577 42.60 12.43 -0.17
CA GLY A 577 43.16 11.57 -1.19
C GLY A 577 44.39 10.77 -0.76
N GLN A 578 45.01 11.17 0.35
CA GLN A 578 46.24 10.52 0.79
C GLN A 578 46.38 10.70 2.30
N VAL A 579 47.23 9.87 2.89
CA VAL A 579 47.50 9.91 4.32
C VAL A 579 48.41 11.09 4.64
N VAL A 580 48.10 11.79 5.71
CA VAL A 580 48.90 12.95 6.12
C VAL A 580 50.02 12.54 7.08
N GLU A 581 49.69 11.76 8.11
CA GLU A 581 50.67 11.35 9.09
C GLU A 581 50.30 9.98 9.63
N THR A 582 51.30 9.30 10.19
CA THR A 582 51.10 7.98 10.80
C THR A 582 51.75 7.94 12.18
N GLY A 583 51.78 6.76 12.79
CA GLY A 583 52.41 6.56 14.08
C GLY A 583 51.48 5.90 15.07
N THR A 584 51.99 5.71 16.28
CA THR A 584 51.24 5.08 17.35
C THR A 584 50.35 6.12 18.03
N HIS A 585 49.70 5.73 19.12
CA HIS A 585 48.83 6.64 19.86
C HIS A 585 49.59 7.39 20.95
N GLU A 586 50.73 7.95 20.57
CA GLU A 586 51.54 8.80 21.43
C GLU A 586 51.93 10.11 20.76
N GLU A 587 52.20 10.10 19.46
CA GLU A 587 52.57 11.29 18.72
C GLU A 587 51.42 11.86 17.90
N LEU A 588 50.40 11.05 17.59
CA LEU A 588 49.24 11.57 16.87
C LEU A 588 48.51 12.63 17.69
N ILE A 589 48.34 12.39 18.99
CA ILE A 589 47.72 13.38 19.86
C ILE A 589 48.60 14.62 20.00
N ALA A 590 49.92 14.45 20.00
CA ALA A 590 50.84 15.55 20.21
C ALA A 590 51.03 16.34 18.91
N LYS A 591 51.73 17.46 19.03
CA LYS A 591 52.17 18.35 17.95
C LYS A 591 51.00 19.05 17.25
N SER A 592 49.77 18.70 17.63
CA SER A 592 48.56 19.31 17.07
C SER A 592 48.57 19.30 15.55
N GLY A 593 49.03 18.20 14.96
CA GLY A 593 49.13 18.12 13.52
C GLY A 593 47.92 17.46 12.88
N ALA A 594 46.99 18.26 12.38
CA ALA A 594 45.78 17.80 11.70
C ALA A 594 44.98 16.82 12.55
N TYR A 595 45.13 16.87 13.88
CA TYR A 595 44.41 15.97 14.76
C TYR A 595 43.67 16.74 15.84
N ALA A 596 44.13 17.94 16.16
CA ALA A 596 43.39 18.78 17.11
C ALA A 596 42.04 19.19 16.53
N SER A 597 41.99 19.46 15.22
CA SER A 597 40.72 19.80 14.59
C SER A 597 39.73 18.66 14.70
N LEU A 598 40.20 17.42 14.53
CA LEU A 598 39.31 16.26 14.57
C LEU A 598 38.70 16.09 15.96
N ILE A 599 39.53 16.16 17.00
CA ILE A 599 39.01 16.00 18.36
C ILE A 599 38.13 17.19 18.74
N ARG A 600 38.45 18.39 18.27
CA ARG A 600 37.59 19.52 18.55
C ARG A 600 36.23 19.36 17.88
N PHE A 601 36.23 18.88 16.63
CA PHE A 601 34.97 18.61 15.93
C PHE A 601 34.19 17.53 16.64
N GLN A 602 34.88 16.54 17.19
CA GLN A 602 34.22 15.58 18.07
C GLN A 602 33.59 16.28 19.26
N GLU A 603 34.28 17.27 19.82
CA GLU A 603 33.83 17.92 21.05
C GLU A 603 32.65 18.87 20.86
N MET A 604 32.52 19.50 19.69
CA MET A 604 31.27 20.24 19.45
C MET A 604 30.05 19.31 19.47
N VAL A 605 30.25 18.00 19.28
CA VAL A 605 29.20 16.98 19.18
C VAL A 605 27.99 17.48 18.39
N GLU A 670 -23.13 -7.44 14.85
CA GLU A 670 -23.39 -7.37 13.41
C GLU A 670 -24.51 -6.37 13.13
N ASN A 671 -24.91 -5.63 14.16
CA ASN A 671 -25.93 -4.59 14.04
C ASN A 671 -25.41 -3.31 13.40
N TYR A 672 -24.20 -3.38 12.85
CA TYR A 672 -23.58 -2.21 12.25
C TYR A 672 -24.37 -1.73 11.04
N PHE A 673 -24.88 -2.66 10.23
CA PHE A 673 -25.67 -2.27 9.06
C PHE A 673 -26.96 -1.57 9.47
N TYR A 674 -27.64 -2.09 10.50
CA TYR A 674 -28.85 -1.43 10.98
C TYR A 674 -28.54 -0.06 11.56
N ARG A 675 -27.41 0.06 12.27
CA ARG A 675 -27.01 1.37 12.78
C ARG A 675 -26.74 2.35 11.64
N LEU A 676 -26.08 1.88 10.58
CA LEU A 676 -25.85 2.73 9.42
C LEU A 676 -27.16 3.17 8.78
N LEU A 677 -28.11 2.25 8.65
CA LEU A 677 -29.41 2.59 8.08
C LEU A 677 -30.12 3.62 8.95
N LYS A 678 -30.01 3.49 10.26
CA LYS A 678 -30.57 4.49 11.17
C LYS A 678 -29.89 5.84 10.99
N LEU A 679 -28.57 5.83 10.77
CA LEU A 679 -27.84 7.07 10.54
C LEU A 679 -28.28 7.79 9.27
N ASN A 680 -28.98 7.09 8.37
CA ASN A 680 -29.47 7.66 7.13
C ASN A 680 -30.96 7.99 7.20
N SER A 681 -31.50 8.13 8.41
CA SER A 681 -32.94 8.36 8.57
C SER A 681 -33.44 9.62 7.89
N PRO A 682 -32.81 10.80 8.02
CA PRO A 682 -33.39 12.01 7.43
C PRO A 682 -33.51 11.96 5.92
N GLU A 683 -32.77 11.08 5.24
CA GLU A 683 -32.82 10.98 3.79
C GLU A 683 -33.73 9.86 3.31
N TRP A 684 -34.81 9.59 4.03
CA TRP A 684 -35.75 8.54 3.66
C TRP A 684 -36.59 8.85 2.41
N PRO A 685 -36.93 10.12 2.09
CA PRO A 685 -37.72 10.33 0.87
C PRO A 685 -37.04 9.83 -0.40
N TYR A 686 -35.71 9.95 -0.48
CA TYR A 686 -35.02 9.48 -1.67
C TYR A 686 -34.99 7.96 -1.75
N SER A 687 -34.99 7.29 -0.60
CA SER A 687 -34.94 5.83 -0.59
C SER A 687 -36.17 5.23 -1.24
N ILE A 688 -37.34 5.85 -1.05
CA ILE A 688 -38.56 5.31 -1.63
C ILE A 688 -38.51 5.39 -3.15
N MET A 689 -38.06 6.51 -3.71
CA MET A 689 -37.95 6.62 -5.16
C MET A 689 -36.88 5.68 -5.71
N GLY A 690 -35.78 5.50 -4.96
CA GLY A 690 -34.79 4.53 -5.38
C GLY A 690 -35.34 3.12 -5.44
N ALA A 691 -36.11 2.73 -4.42
CA ALA A 691 -36.75 1.42 -4.44
C ALA A 691 -37.72 1.30 -5.60
N VAL A 692 -38.49 2.36 -5.86
CA VAL A 692 -39.43 2.32 -6.98
C VAL A 692 -38.69 2.08 -8.29
N GLY A 693 -37.58 2.79 -8.49
CA GLY A 693 -36.75 2.52 -9.66
C GLY A 693 -36.26 1.08 -9.71
N SER A 694 -35.95 0.52 -8.54
CA SER A 694 -35.50 -0.87 -8.49
C SER A 694 -36.57 -1.83 -9.00
N ILE A 695 -37.80 -1.68 -8.51
CA ILE A 695 -38.88 -2.53 -9.02
C ILE A 695 -39.14 -2.27 -10.51
N LEU A 696 -39.02 -1.02 -10.94
CA LEU A 696 -39.23 -0.76 -12.37
C LEU A 696 -38.19 -1.49 -13.23
N SER A 697 -36.94 -1.54 -12.77
CA SER A 697 -35.92 -2.29 -13.53
C SER A 697 -36.18 -3.79 -13.48
N GLY A 698 -36.58 -4.29 -12.31
CA GLY A 698 -36.95 -5.69 -12.21
C GLY A 698 -38.06 -6.05 -13.16
N PHE A 699 -38.96 -5.12 -13.45
CA PHE A 699 -39.96 -5.34 -14.47
C PHE A 699 -39.42 -5.14 -15.89
N ILE A 700 -38.34 -4.37 -16.04
CA ILE A 700 -37.69 -4.27 -17.35
C ILE A 700 -37.23 -5.64 -17.83
N GLY A 701 -36.55 -6.36 -16.94
CA GLY A 701 -35.90 -7.61 -17.35
C GLY A 701 -36.80 -8.66 -17.98
N PRO A 702 -37.70 -9.24 -17.17
CA PRO A 702 -38.64 -10.22 -17.68
C PRO A 702 -39.48 -9.74 -18.86
N THR A 703 -39.72 -8.42 -18.97
CA THR A 703 -40.41 -7.91 -20.14
C THR A 703 -39.62 -8.21 -21.41
N PHE A 704 -38.31 -7.94 -21.37
CA PHE A 704 -37.45 -8.26 -22.50
C PHE A 704 -37.47 -9.76 -22.80
N ALA A 705 -37.39 -10.58 -21.74
CA ALA A 705 -37.39 -12.03 -21.96
C ALA A 705 -38.70 -12.49 -22.61
N ILE A 706 -39.83 -11.98 -22.13
CA ILE A 706 -41.13 -12.41 -22.64
C ILE A 706 -41.31 -11.97 -24.10
N VAL A 707 -40.91 -10.73 -24.42
CA VAL A 707 -41.04 -10.28 -25.80
C VAL A 707 -40.16 -11.11 -26.73
N MET A 708 -38.94 -11.42 -26.30
CA MET A 708 -38.08 -12.25 -27.13
C MET A 708 -38.69 -13.64 -27.34
N SER A 709 -39.25 -14.23 -26.29
CA SER A 709 -39.90 -15.53 -26.43
C SER A 709 -41.08 -15.45 -27.39
N ASN A 710 -41.87 -14.38 -27.30
CA ASN A 710 -42.99 -14.21 -28.22
C ASN A 710 -42.52 -14.12 -29.67
N MET A 711 -41.43 -13.38 -29.91
CA MET A 711 -40.89 -13.31 -31.26
C MET A 711 -40.45 -14.69 -31.75
N ILE A 712 -39.77 -15.45 -30.89
CA ILE A 712 -39.34 -16.79 -31.27
C ILE A 712 -40.54 -17.65 -31.65
N GLU A 713 -41.63 -17.56 -30.88
CA GLU A 713 -42.81 -18.34 -31.22
C GLU A 713 -43.47 -17.86 -32.50
N VAL A 714 -43.46 -16.54 -32.74
CA VAL A 714 -44.12 -15.99 -33.91
C VAL A 714 -43.41 -16.42 -35.20
N PHE A 715 -42.07 -16.50 -35.17
CA PHE A 715 -41.33 -16.85 -36.38
C PHE A 715 -41.85 -18.08 -37.10
N TYR A 716 -42.58 -18.96 -36.42
CA TYR A 716 -43.05 -20.21 -37.02
C TYR A 716 -44.51 -20.16 -37.44
N TYR A 717 -45.09 -18.96 -37.58
CA TYR A 717 -46.45 -18.85 -38.04
C TYR A 717 -46.57 -19.27 -39.50
N THR A 718 -47.78 -19.65 -39.88
CA THR A 718 -48.05 -20.07 -41.26
C THR A 718 -48.76 -19.00 -42.08
N ASP A 719 -49.48 -18.08 -41.44
CA ASP A 719 -50.15 -16.98 -42.15
C ASP A 719 -49.23 -15.77 -42.10
N TYR A 720 -48.59 -15.47 -43.24
CA TYR A 720 -47.61 -14.39 -43.27
C TYR A 720 -48.24 -13.02 -43.05
N ASP A 721 -49.51 -12.85 -43.43
CA ASP A 721 -50.17 -11.57 -43.24
C ASP A 721 -50.28 -11.21 -41.76
N SER A 722 -50.59 -12.21 -40.92
CA SER A 722 -50.72 -11.94 -39.49
C SER A 722 -49.39 -11.61 -38.84
N MET A 723 -48.28 -12.10 -39.41
CA MET A 723 -46.97 -11.86 -38.80
C MET A 723 -46.61 -10.38 -38.78
N GLU A 724 -46.96 -9.66 -39.85
CA GLU A 724 -46.55 -8.26 -39.97
C GLU A 724 -47.10 -7.42 -38.83
N ARG A 725 -48.40 -7.55 -38.55
CA ARG A 725 -49.02 -6.75 -37.49
C ARG A 725 -48.39 -7.06 -36.14
N LYS A 726 -48.25 -8.35 -35.83
CA LYS A 726 -47.71 -8.76 -34.54
C LYS A 726 -46.29 -8.23 -34.36
N THR A 727 -45.44 -8.42 -35.37
CA THR A 727 -44.10 -7.88 -35.30
C THR A 727 -44.12 -6.36 -35.17
N LYS A 728 -45.14 -5.71 -35.73
CA LYS A 728 -45.25 -4.26 -35.60
C LYS A 728 -45.44 -3.85 -34.13
N GLU A 729 -46.43 -4.43 -33.45
CA GLU A 729 -46.57 -3.95 -32.07
C GLU A 729 -45.46 -4.50 -31.18
N TYR A 730 -44.81 -5.60 -31.57
CA TYR A 730 -43.64 -6.05 -30.81
C TYR A 730 -42.49 -5.06 -30.92
N VAL A 731 -42.28 -4.48 -32.10
CA VAL A 731 -41.25 -3.46 -32.26
C VAL A 731 -41.63 -2.20 -31.47
N PHE A 732 -42.90 -1.81 -31.51
CA PHE A 732 -43.33 -0.67 -30.69
C PHE A 732 -43.14 -0.95 -29.20
N ILE A 733 -43.39 -2.19 -28.77
CA ILE A 733 -43.14 -2.58 -27.40
C ILE A 733 -41.66 -2.45 -27.06
N TYR A 734 -40.79 -2.83 -28.00
CA TYR A 734 -39.36 -2.64 -27.79
C TYR A 734 -39.01 -1.17 -27.61
N ILE A 735 -39.59 -0.29 -28.42
CA ILE A 735 -39.31 1.14 -28.30
C ILE A 735 -39.77 1.66 -26.94
N GLY A 736 -40.99 1.30 -26.56
CA GLY A 736 -41.49 1.70 -25.25
C GLY A 736 -40.65 1.16 -24.12
N ALA A 737 -40.15 -0.07 -24.27
CA ALA A 737 -39.28 -0.66 -23.26
C ALA A 737 -37.97 0.10 -23.17
N GLY A 738 -37.44 0.56 -24.30
CA GLY A 738 -36.22 1.36 -24.26
C GLY A 738 -36.40 2.65 -23.49
N LEU A 739 -37.49 3.38 -23.79
CA LEU A 739 -37.76 4.62 -23.06
C LEU A 739 -38.01 4.35 -21.58
N TYR A 740 -38.74 3.28 -21.28
CA TYR A 740 -38.99 2.89 -19.90
C TYR A 740 -37.70 2.56 -19.17
N ALA A 741 -36.78 1.87 -19.84
CA ALA A 741 -35.50 1.55 -19.23
C ALA A 741 -34.71 2.81 -18.94
N VAL A 742 -34.70 3.75 -19.89
CA VAL A 742 -34.00 5.02 -19.66
C VAL A 742 -34.55 5.70 -18.41
N GLY A 743 -35.88 5.83 -18.33
CA GLY A 743 -36.47 6.53 -17.20
C GLY A 743 -36.23 5.84 -15.87
N ALA A 744 -36.43 4.52 -15.84
CA ALA A 744 -36.27 3.78 -14.59
C ALA A 744 -34.83 3.82 -14.10
N TYR A 745 -33.86 3.60 -15.01
CA TYR A 745 -32.48 3.66 -14.61
C TYR A 745 -32.09 5.05 -14.13
N LEU A 746 -32.58 6.09 -14.82
CA LEU A 746 -32.34 7.46 -14.38
C LEU A 746 -32.81 7.64 -12.95
N ILE A 747 -34.06 7.29 -12.67
CA ILE A 747 -34.63 7.54 -11.35
C ILE A 747 -33.84 6.77 -10.29
N GLN A 748 -33.64 5.47 -10.52
CA GLN A 748 -33.01 4.63 -9.50
C GLN A 748 -31.60 5.10 -9.20
N HIS A 749 -30.77 5.25 -10.25
CA HIS A 749 -29.38 5.61 -10.01
C HIS A 749 -29.26 7.01 -9.43
N TYR A 750 -30.05 7.97 -9.92
CA TYR A 750 -29.95 9.33 -9.41
C TYR A 750 -30.31 9.39 -7.93
N PHE A 751 -31.44 8.80 -7.55
CA PHE A 751 -31.87 8.94 -6.16
C PHE A 751 -30.99 8.13 -5.22
N PHE A 752 -30.54 6.93 -5.64
CA PHE A 752 -29.64 6.19 -4.78
C PHE A 752 -28.28 6.86 -4.68
N SER A 753 -27.83 7.53 -5.73
CA SER A 753 -26.59 8.29 -5.64
C SER A 753 -26.75 9.45 -4.67
N ILE A 754 -27.89 10.12 -4.69
CA ILE A 754 -28.13 11.20 -3.73
C ILE A 754 -28.08 10.66 -2.31
N MET A 755 -28.75 9.54 -2.06
CA MET A 755 -28.76 8.95 -0.72
C MET A 755 -27.35 8.56 -0.28
N GLY A 756 -26.60 7.92 -1.18
CA GLY A 756 -25.26 7.50 -0.83
C GLY A 756 -24.31 8.65 -0.56
N GLU A 757 -24.39 9.70 -1.39
CA GLU A 757 -23.53 10.87 -1.17
C GLU A 757 -23.86 11.56 0.15
N ASN A 758 -25.16 11.69 0.46
CA ASN A 758 -25.51 12.29 1.74
C ASN A 758 -25.01 11.45 2.90
N LEU A 759 -25.16 10.12 2.81
CA LEU A 759 -24.69 9.26 3.90
C LEU A 759 -23.18 9.36 4.07
N THR A 760 -22.43 9.34 2.97
CA THR A 760 -20.98 9.39 3.10
C THR A 760 -20.50 10.75 3.58
N THR A 761 -21.18 11.83 3.20
CA THR A 761 -20.84 13.14 3.74
C THR A 761 -21.08 13.18 5.24
N ARG A 762 -22.23 12.65 5.69
CA ARG A 762 -22.52 12.67 7.12
C ARG A 762 -21.52 11.82 7.91
N VAL A 763 -21.18 10.64 7.39
CA VAL A 763 -20.25 9.79 8.13
C VAL A 763 -18.85 10.40 8.12
N ARG A 764 -18.46 11.08 7.03
CA ARG A 764 -17.17 11.77 7.02
C ARG A 764 -17.13 12.87 8.07
N ARG A 765 -18.19 13.67 8.16
CA ARG A 765 -18.22 14.74 9.15
C ARG A 765 -18.15 14.16 10.56
N MET A 766 -18.94 13.11 10.84
CA MET A 766 -18.92 12.51 12.16
C MET A 766 -17.56 11.89 12.49
N MET A 767 -16.94 11.21 11.52
CA MET A 767 -15.65 10.59 11.75
C MET A 767 -14.58 11.65 12.04
N LEU A 768 -14.58 12.74 11.28
CA LEU A 768 -13.60 13.79 11.53
C LEU A 768 -13.82 14.44 12.88
N SER A 769 -15.08 14.69 13.24
CA SER A 769 -15.36 15.26 14.55
C SER A 769 -14.89 14.35 15.67
N ALA A 770 -15.11 13.04 15.52
CA ALA A 770 -14.63 12.09 16.52
C ALA A 770 -13.10 12.07 16.58
N ILE A 771 -12.44 12.08 15.42
CA ILE A 771 -10.98 12.01 15.39
C ILE A 771 -10.37 13.22 16.08
N LEU A 772 -10.89 14.42 15.78
CA LEU A 772 -10.35 15.61 16.43
C LEU A 772 -10.64 15.63 17.92
N ARG A 773 -11.66 14.92 18.38
CA ARG A 773 -11.94 14.81 19.81
C ARG A 773 -11.34 13.51 20.35
N ASN A 774 -10.02 13.42 20.28
CA ASN A 774 -9.31 12.24 20.75
C ASN A 774 -8.17 12.62 21.68
N GLU A 775 -7.32 11.66 22.02
CA GLU A 775 -6.17 11.88 22.88
C GLU A 775 -4.92 12.04 22.03
N VAL A 776 -4.00 12.87 22.52
CA VAL A 776 -2.74 13.08 21.81
C VAL A 776 -1.94 11.78 21.74
N GLY A 777 -2.02 10.96 22.79
CA GLY A 777 -1.31 9.69 22.77
C GLY A 777 -1.76 8.76 21.66
N TRP A 778 -2.99 8.93 21.19
CA TRP A 778 -3.45 8.13 20.05
C TRP A 778 -2.70 8.45 18.77
N PHE A 779 -2.20 9.68 18.63
CA PHE A 779 -1.42 10.07 17.47
C PHE A 779 0.05 9.68 17.59
N ASP A 780 0.50 9.26 18.76
CA ASP A 780 1.91 8.99 18.99
C ASP A 780 2.37 7.70 18.31
N GLU A 781 1.46 6.77 18.04
CA GLU A 781 1.84 5.54 17.38
C GLU A 781 2.23 5.80 15.93
N ASP A 782 2.98 4.84 15.37
CA ASP A 782 3.50 4.96 14.02
C ASP A 782 2.46 4.75 12.94
N GLU A 783 1.26 4.29 13.31
CA GLU A 783 0.17 4.07 12.35
C GLU A 783 -0.90 5.13 12.40
N HIS A 784 -0.74 6.16 13.23
CA HIS A 784 -1.72 7.23 13.37
C HIS A 784 -1.09 8.59 13.08
N ASN A 785 -0.26 8.65 12.05
CA ASN A 785 0.31 9.91 11.60
C ASN A 785 -0.67 10.59 10.64
N SER A 786 -0.20 11.63 9.94
CA SER A 786 -1.04 12.34 8.98
C SER A 786 -1.05 11.69 7.61
N SER A 787 -0.36 10.55 7.45
CA SER A 787 -0.31 9.86 6.17
C SER A 787 -1.16 8.59 6.12
N LEU A 788 -1.67 8.12 7.26
CA LEU A 788 -2.51 6.93 7.30
C LEU A 788 -3.95 7.23 7.69
N ILE A 789 -4.16 7.99 8.77
CA ILE A 789 -5.52 8.35 9.18
C ILE A 789 -6.19 9.18 8.09
N ALA A 790 -5.47 10.16 7.54
CA ALA A 790 -6.01 10.94 6.43
C ALA A 790 -6.24 10.10 5.20
N ALA A 791 -5.55 8.96 5.08
CA ALA A 791 -5.78 8.03 3.98
C ALA A 791 -6.98 7.13 4.22
N ARG A 792 -7.34 6.87 5.48
CA ARG A 792 -8.51 6.06 5.76
C ARG A 792 -9.80 6.78 5.36
N LEU A 793 -9.83 8.10 5.56
CA LEU A 793 -10.99 8.87 5.13
C LEU A 793 -11.17 8.86 3.63
N ALA A 794 -10.17 8.43 2.88
CA ALA A 794 -10.26 8.41 1.42
C ALA A 794 -11.02 7.19 0.93
N THR A 795 -10.53 5.99 1.25
CA THR A 795 -11.11 4.77 0.70
C THR A 795 -12.21 4.18 1.57
N ASP A 796 -12.13 4.35 2.89
CA ASP A 796 -13.13 3.76 3.77
C ASP A 796 -14.44 4.54 3.75
N ALA A 797 -14.39 5.85 3.58
CA ALA A 797 -15.60 6.66 3.65
C ALA A 797 -16.48 6.47 2.42
N ALA A 798 -15.89 6.16 1.27
CA ALA A 798 -16.67 5.93 0.07
C ALA A 798 -17.15 4.49 -0.04
N ASP A 799 -16.38 3.55 0.51
CA ASP A 799 -16.76 2.14 0.41
C ASP A 799 -18.06 1.86 1.15
N VAL A 800 -18.31 2.56 2.26
CA VAL A 800 -19.53 2.32 3.03
C VAL A 800 -20.76 2.71 2.22
N LYS A 801 -20.74 3.89 1.60
CA LYS A 801 -21.89 4.31 0.81
C LYS A 801 -22.04 3.42 -0.42
N SER A 802 -20.91 3.06 -1.05
CA SER A 802 -20.98 2.14 -2.18
C SER A 802 -21.66 0.83 -1.78
N ALA A 803 -21.18 0.22 -0.70
CA ALA A 803 -21.76 -1.02 -0.20
C ALA A 803 -23.26 -0.87 0.02
N ILE A 804 -23.65 0.04 0.92
CA ILE A 804 -25.06 0.15 1.29
C ILE A 804 -25.92 0.40 0.05
N ALA A 805 -25.66 1.51 -0.65
CA ALA A 805 -26.54 1.92 -1.73
C ALA A 805 -26.57 0.89 -2.86
N GLU A 806 -25.39 0.51 -3.37
CA GLU A 806 -25.37 -0.38 -4.53
C GLU A 806 -25.91 -1.75 -4.19
N ARG A 807 -25.58 -2.30 -3.01
CA ARG A 807 -26.12 -3.60 -2.66
C ARG A 807 -27.64 -3.55 -2.53
N ILE A 808 -28.17 -2.49 -1.91
CA ILE A 808 -29.64 -2.40 -1.78
C ILE A 808 -30.28 -2.34 -3.16
N SER A 809 -29.73 -1.50 -4.04
CA SER A 809 -30.30 -1.36 -5.37
C SER A 809 -30.28 -2.69 -6.13
N VAL A 810 -29.13 -3.34 -6.17
CA VAL A 810 -29.00 -4.56 -6.97
C VAL A 810 -29.88 -5.67 -6.39
N ILE A 811 -29.87 -5.85 -5.07
CA ILE A 811 -30.70 -6.89 -4.47
C ILE A 811 -32.17 -6.65 -4.76
N LEU A 812 -32.64 -5.41 -4.60
CA LEU A 812 -34.06 -5.14 -4.85
C LEU A 812 -34.41 -5.41 -6.31
N GLN A 813 -33.60 -4.89 -7.24
CA GLN A 813 -33.89 -5.07 -8.66
C GLN A 813 -33.94 -6.55 -9.03
N ASN A 814 -32.89 -7.30 -8.66
CA ASN A 814 -32.82 -8.70 -9.08
C ASN A 814 -33.85 -9.56 -8.36
N MET A 815 -34.16 -9.24 -7.10
CA MET A 815 -35.18 -9.99 -6.39
C MET A 815 -36.55 -9.79 -7.04
N THR A 816 -36.87 -8.55 -7.42
CA THR A 816 -38.13 -8.30 -8.11
C THR A 816 -38.17 -9.02 -9.45
N SER A 817 -37.05 -9.00 -10.19
CA SER A 817 -37.00 -9.70 -11.47
C SER A 817 -37.21 -11.20 -11.30
N LEU A 818 -36.59 -11.79 -10.27
CA LEU A 818 -36.73 -13.23 -10.04
C LEU A 818 -38.17 -13.59 -9.66
N LEU A 819 -38.79 -12.80 -8.79
CA LEU A 819 -40.19 -13.05 -8.45
C LEU A 819 -41.08 -12.94 -9.67
N THR A 820 -40.86 -11.93 -10.51
CA THR A 820 -41.66 -11.80 -11.73
C THR A 820 -41.46 -13.00 -12.64
N SER A 821 -40.22 -13.45 -12.78
CA SER A 821 -39.92 -14.57 -13.66
C SER A 821 -40.61 -15.85 -13.20
N PHE A 822 -40.58 -16.16 -11.91
CA PHE A 822 -41.32 -17.33 -11.44
C PHE A 822 -42.83 -17.14 -11.57
N ILE A 823 -43.35 -15.96 -11.22
CA ILE A 823 -44.80 -15.79 -11.25
C ILE A 823 -45.33 -15.94 -12.67
N VAL A 824 -44.63 -15.36 -13.66
CA VAL A 824 -45.02 -15.59 -15.05
C VAL A 824 -44.79 -17.03 -15.44
N ALA A 825 -43.73 -17.66 -14.93
CA ALA A 825 -43.43 -19.04 -15.28
C ALA A 825 -44.49 -20.00 -14.74
N PHE A 826 -44.81 -19.89 -13.46
CA PHE A 826 -45.72 -20.84 -12.82
C PHE A 826 -47.17 -20.66 -13.27
N ILE A 827 -47.49 -19.59 -13.96
CA ILE A 827 -48.85 -19.38 -14.45
C ILE A 827 -49.02 -19.95 -15.85
N VAL A 828 -48.06 -19.72 -16.75
CA VAL A 828 -48.15 -20.25 -18.10
C VAL A 828 -48.12 -21.78 -18.10
N GLU A 829 -47.21 -22.36 -17.31
CA GLU A 829 -47.10 -23.80 -17.18
C GLU A 829 -46.52 -24.14 -15.81
N TRP A 830 -47.14 -25.08 -15.11
CA TRP A 830 -46.71 -25.41 -13.76
C TRP A 830 -45.91 -26.70 -13.67
N ARG A 831 -45.93 -27.56 -14.70
CA ARG A 831 -45.17 -28.79 -14.66
C ARG A 831 -43.74 -28.59 -15.13
N VAL A 832 -43.56 -27.97 -16.31
CA VAL A 832 -42.21 -27.72 -16.82
C VAL A 832 -41.44 -26.82 -15.88
N SER A 833 -42.13 -25.87 -15.23
CA SER A 833 -41.45 -24.96 -14.31
C SER A 833 -40.92 -25.66 -13.07
N LEU A 834 -41.41 -26.86 -12.75
CA LEU A 834 -40.91 -27.56 -11.58
C LEU A 834 -39.52 -28.13 -11.81
N LEU A 835 -39.27 -28.70 -12.99
CA LEU A 835 -37.94 -29.23 -13.29
C LEU A 835 -36.90 -28.13 -13.28
N ILE A 836 -37.23 -26.98 -13.87
CA ILE A 836 -36.29 -25.86 -13.87
C ILE A 836 -36.11 -25.34 -12.46
N LEU A 837 -37.18 -25.37 -11.65
CA LEU A 837 -37.03 -25.00 -10.25
C LEU A 837 -36.04 -25.92 -9.54
N GLY A 838 -36.14 -27.22 -9.80
CA GLY A 838 -35.22 -28.16 -9.16
C GLY A 838 -33.78 -27.99 -9.61
N THR A 839 -33.58 -27.79 -10.92
CA THR A 839 -32.23 -27.66 -11.47
C THR A 839 -31.70 -26.24 -11.40
N PHE A 840 -32.48 -25.31 -10.85
CA PHE A 840 -32.04 -23.92 -10.75
C PHE A 840 -30.71 -23.74 -10.02
N PRO A 841 -30.43 -24.43 -8.90
CA PRO A 841 -29.09 -24.27 -8.30
C PRO A 841 -27.97 -24.60 -9.27
N LEU A 842 -28.14 -25.63 -10.10
CA LEU A 842 -27.10 -25.97 -11.06
C LEU A 842 -26.89 -24.85 -12.08
N LEU A 843 -27.98 -24.28 -12.60
CA LEU A 843 -27.86 -23.21 -13.58
C LEU A 843 -27.22 -21.96 -12.99
N VAL A 844 -27.65 -21.58 -11.78
CA VAL A 844 -27.07 -20.39 -11.17
C VAL A 844 -25.60 -20.62 -10.83
N LEU A 845 -25.25 -21.84 -10.41
CA LEU A 845 -23.85 -22.13 -10.11
C LEU A 845 -23.00 -22.08 -11.38
N ALA A 846 -23.51 -22.63 -12.48
CA ALA A 846 -22.74 -22.63 -13.72
C ALA A 846 -22.55 -21.23 -14.26
N ASN A 847 -23.61 -20.41 -14.24
CA ASN A 847 -23.45 -19.02 -14.68
C ASN A 847 -22.53 -18.23 -13.75
N PHE A 848 -22.58 -18.54 -12.45
CA PHE A 848 -21.65 -17.91 -11.51
C PHE A 848 -20.21 -18.26 -11.87
N ALA A 849 -19.94 -19.53 -12.18
CA ALA A 849 -18.59 -19.92 -12.58
C ALA A 849 -18.17 -19.22 -13.87
N GLN A 850 -19.09 -19.12 -14.83
CA GLN A 850 -18.76 -18.44 -16.09
C GLN A 850 -18.40 -16.98 -15.85
N GLN A 851 -19.14 -16.30 -14.97
CA GLN A 851 -18.84 -14.90 -14.70
C GLN A 851 -17.59 -14.75 -13.83
N LEU A 852 -17.28 -15.75 -13.00
CA LEU A 852 -16.10 -15.67 -12.17
C LEU A 852 -14.83 -15.89 -12.97
N SER A 853 -14.89 -16.71 -14.02
CA SER A 853 -13.68 -17.01 -14.79
C SER A 853 -13.12 -15.78 -15.50
N LEU A 854 -13.89 -14.70 -15.61
CA LEU A 854 -13.40 -13.52 -16.33
C LEU A 854 -12.24 -12.85 -15.61
N LYS A 855 -12.20 -12.92 -14.29
CA LYS A 855 -11.16 -12.26 -13.50
C LYS A 855 -10.08 -13.23 -13.06
N GLY A 856 -10.06 -14.44 -13.58
CA GLY A 856 -8.95 -15.34 -13.30
C GLY A 856 -9.15 -16.16 -12.04
N PHE A 857 -8.55 -17.34 -12.04
CA PHE A 857 -8.65 -18.27 -10.92
C PHE A 857 -7.39 -18.29 -10.07
N ALA A 858 -6.48 -17.33 -10.26
CA ALA A 858 -5.20 -17.39 -9.54
C ALA A 858 -5.39 -17.05 -8.07
N GLY A 859 -5.69 -15.79 -7.77
CA GLY A 859 -5.98 -15.40 -6.41
C GLY A 859 -4.73 -15.06 -5.63
N ASP A 860 -4.66 -13.84 -5.11
CA ASP A 860 -3.63 -13.34 -4.18
C ASP A 860 -2.24 -13.93 -4.44
N THR A 861 -1.81 -13.92 -5.69
CA THR A 861 -0.51 -14.50 -6.03
C THR A 861 0.63 -13.80 -5.30
N ALA A 862 0.44 -12.55 -4.90
CA ALA A 862 1.45 -11.87 -4.09
C ALA A 862 1.61 -12.56 -2.74
N LYS A 863 0.50 -12.96 -2.12
CA LYS A 863 0.57 -13.63 -0.82
C LYS A 863 1.20 -15.01 -0.93
N ALA A 864 1.00 -15.70 -2.06
CA ALA A 864 1.62 -17.01 -2.25
C ALA A 864 3.14 -16.88 -2.27
N HIS A 865 3.67 -15.90 -2.99
CA HIS A 865 5.10 -15.63 -3.04
C HIS A 865 5.51 -14.60 -1.99
N ALA A 866 5.12 -14.84 -0.74
CA ALA A 866 5.41 -13.90 0.34
C ALA A 866 6.75 -14.18 1.01
N LYS A 867 7.24 -15.41 0.93
CA LYS A 867 8.51 -15.76 1.56
C LYS A 867 9.68 -15.73 0.58
N THR A 868 9.44 -16.06 -0.68
CA THR A 868 10.50 -15.96 -1.68
C THR A 868 10.94 -14.52 -1.86
N SER A 869 9.98 -13.60 -1.93
CA SER A 869 10.31 -12.19 -2.06
C SER A 869 11.07 -11.69 -0.84
N MET A 870 10.66 -12.14 0.35
CA MET A 870 11.36 -11.74 1.56
C MET A 870 12.80 -12.24 1.58
N ILE A 871 13.01 -13.50 1.17
CA ILE A 871 14.36 -14.04 1.12
C ILE A 871 15.20 -13.28 0.10
N ALA A 872 14.63 -13.01 -1.06
CA ALA A 872 15.35 -12.24 -2.08
C ALA A 872 15.71 -10.86 -1.58
N GLY A 873 14.78 -10.20 -0.89
CA GLY A 873 15.08 -8.88 -0.36
C GLY A 873 16.17 -8.90 0.68
N GLU A 874 16.11 -9.84 1.61
CA GLU A 874 17.13 -9.93 2.65
C GLU A 874 18.49 -10.27 2.05
N GLY A 875 18.51 -11.13 1.03
CA GLY A 875 19.76 -11.44 0.37
C GLY A 875 20.33 -10.26 -0.41
N VAL A 876 19.46 -9.37 -0.86
CA VAL A 876 19.92 -8.22 -1.64
C VAL A 876 20.17 -7.01 -0.74
N SER A 877 19.31 -6.80 0.27
CA SER A 877 19.41 -5.60 1.09
C SER A 877 20.75 -5.54 1.82
N ASN A 878 21.18 -6.65 2.39
CA ASN A 878 22.46 -6.72 3.09
C ASN A 878 23.54 -7.46 2.29
N ILE A 879 23.50 -7.30 0.97
CA ILE A 879 24.49 -7.92 0.09
C ILE A 879 25.90 -7.54 0.49
N ARG A 880 26.08 -6.38 1.14
CA ARG A 880 27.39 -6.01 1.65
C ARG A 880 27.91 -7.04 2.64
N THR A 881 27.04 -7.53 3.53
CA THR A 881 27.43 -8.58 4.45
C THR A 881 27.62 -9.91 3.72
N VAL A 882 26.80 -10.18 2.70
CA VAL A 882 26.89 -11.45 1.98
C VAL A 882 28.20 -11.55 1.20
N ALA A 883 28.76 -10.41 0.78
CA ALA A 883 30.01 -10.43 0.03
C ALA A 883 31.12 -11.08 0.85
N ALA A 884 31.27 -10.67 2.11
CA ALA A 884 32.11 -11.40 3.03
C ALA A 884 31.35 -12.61 3.56
N PHE A 885 32.06 -13.52 4.22
CA PHE A 885 31.48 -14.73 4.76
C PHE A 885 30.77 -15.51 3.65
N ASN A 886 31.57 -15.95 2.68
CA ASN A 886 31.08 -16.39 1.39
C ASN A 886 29.89 -17.34 1.51
N ALA A 887 28.71 -16.87 1.13
CA ALA A 887 27.48 -17.65 1.20
C ALA A 887 26.64 -17.43 -0.05
N GLN A 888 27.30 -17.37 -1.21
CA GLN A 888 26.59 -17.15 -2.46
C GLN A 888 25.89 -18.40 -2.97
N SER A 889 26.11 -19.54 -2.33
CA SER A 889 25.42 -20.79 -2.69
C SER A 889 24.38 -21.22 -1.67
N LYS A 890 24.49 -20.78 -0.42
CA LYS A 890 23.55 -21.22 0.60
C LYS A 890 22.19 -20.55 0.45
N ILE A 891 22.15 -19.33 -0.06
CA ILE A 891 20.87 -18.65 -0.27
C ILE A 891 20.05 -19.37 -1.33
N LEU A 892 20.73 -19.94 -2.33
CA LEU A 892 20.02 -20.57 -3.44
C LEU A 892 19.24 -21.80 -3.00
N SER A 893 19.74 -22.53 -2.01
CA SER A 893 19.01 -23.70 -1.51
C SER A 893 17.68 -23.28 -0.87
N LEU A 894 17.73 -22.25 -0.03
CA LEU A 894 16.51 -21.74 0.58
C LEU A 894 15.55 -21.23 -0.48
N PHE A 895 16.07 -20.51 -1.48
CA PHE A 895 15.22 -20.02 -2.55
C PHE A 895 14.60 -21.17 -3.32
N CYS A 896 15.35 -22.24 -3.55
CA CYS A 896 14.82 -23.39 -4.26
C CYS A 896 13.70 -24.07 -3.48
N HIS A 897 13.86 -24.23 -2.17
CA HIS A 897 12.80 -24.85 -1.38
C HIS A 897 11.53 -24.00 -1.37
N GLU A 898 11.70 -22.71 -1.08
CA GLU A 898 10.54 -21.83 -1.00
C GLU A 898 9.96 -21.49 -2.35
N LEU A 899 10.63 -21.87 -3.45
CA LEU A 899 10.00 -21.88 -4.76
C LEU A 899 9.33 -23.21 -5.07
N ARG A 900 9.86 -24.31 -4.51
CA ARG A 900 9.25 -25.61 -4.73
C ARG A 900 7.86 -25.68 -4.13
N VAL A 901 7.66 -25.07 -2.96
CA VAL A 901 6.33 -25.12 -2.32
C VAL A 901 5.25 -24.47 -3.17
N PRO A 902 5.39 -23.22 -3.64
CA PRO A 902 4.31 -22.63 -4.45
C PRO A 902 4.06 -23.35 -5.77
N GLN A 903 5.05 -24.07 -6.31
CA GLN A 903 4.78 -24.87 -7.50
C GLN A 903 3.75 -25.95 -7.21
N LYS A 904 3.90 -26.64 -6.07
CA LYS A 904 2.90 -27.62 -5.68
C LYS A 904 1.55 -26.98 -5.43
N ARG A 905 1.55 -25.82 -4.77
CA ARG A 905 0.27 -25.13 -4.53
C ARG A 905 -0.42 -24.78 -5.83
N SER A 906 0.33 -24.24 -6.79
CA SER A 906 -0.26 -23.89 -8.09
C SER A 906 -0.74 -25.11 -8.84
N LEU A 907 0.01 -26.22 -8.78
CA LEU A 907 -0.44 -27.44 -9.43
C LEU A 907 -1.79 -27.87 -8.90
N TYR A 908 -1.91 -27.97 -7.58
CA TYR A 908 -3.18 -28.44 -7.01
C TYR A 908 -4.31 -27.47 -7.30
N ARG A 909 -4.07 -26.16 -7.15
CA ARG A 909 -5.12 -25.19 -7.40
C ARG A 909 -5.57 -25.20 -8.85
N SER A 910 -4.63 -25.30 -9.79
CA SER A 910 -4.98 -25.32 -11.20
C SER A 910 -5.81 -26.54 -11.54
N GLN A 911 -5.40 -27.72 -11.06
CA GLN A 911 -6.15 -28.93 -11.37
C GLN A 911 -7.56 -28.85 -10.78
N THR A 912 -7.68 -28.40 -9.53
CA THR A 912 -8.99 -28.29 -8.91
C THR A 912 -9.89 -27.32 -9.65
N SER A 913 -9.36 -26.16 -10.03
CA SER A 913 -10.17 -25.17 -10.74
C SER A 913 -10.62 -25.71 -12.08
N GLY A 914 -9.73 -26.36 -12.83
CA GLY A 914 -10.13 -26.92 -14.10
C GLY A 914 -11.24 -27.95 -13.95
N PHE A 915 -11.08 -28.86 -12.97
CA PHE A 915 -12.07 -29.91 -12.79
C PHE A 915 -13.43 -29.33 -12.40
N LEU A 916 -13.45 -28.39 -11.47
CA LEU A 916 -14.72 -27.82 -11.03
C LEU A 916 -15.39 -27.03 -12.15
N PHE A 917 -14.62 -26.26 -12.92
CA PHE A 917 -15.21 -25.54 -14.03
C PHE A 917 -15.82 -26.50 -15.05
N GLY A 918 -15.09 -27.57 -15.38
CA GLY A 918 -15.63 -28.54 -16.31
C GLY A 918 -16.92 -29.17 -15.81
N LEU A 919 -16.95 -29.55 -14.54
CA LEU A 919 -18.16 -30.15 -13.99
C LEU A 919 -19.33 -29.18 -14.00
N SER A 920 -19.09 -27.91 -13.68
CA SER A 920 -20.17 -26.94 -13.70
C SER A 920 -20.75 -26.78 -15.10
N GLN A 921 -19.88 -26.68 -16.11
CA GLN A 921 -20.40 -26.53 -17.47
C GLN A 921 -21.14 -27.78 -17.93
N LEU A 922 -20.63 -28.96 -17.58
CA LEU A 922 -21.34 -30.19 -17.93
C LEU A 922 -22.71 -30.23 -17.28
N ALA A 923 -22.80 -29.79 -16.03
CA ALA A 923 -24.09 -29.75 -15.35
C ALA A 923 -25.05 -28.80 -16.05
N LEU A 924 -24.57 -27.62 -16.44
CA LEU A 924 -25.43 -26.68 -17.15
C LEU A 924 -26.02 -27.32 -18.40
N TYR A 925 -25.15 -27.89 -19.26
CA TYR A 925 -25.66 -28.37 -20.54
C TYR A 925 -26.53 -29.60 -20.38
N GLY A 926 -26.17 -30.51 -19.47
CA GLY A 926 -27.03 -31.65 -19.22
C GLY A 926 -28.39 -31.25 -18.68
N SER A 927 -28.42 -30.27 -17.77
CA SER A 927 -29.69 -29.80 -17.24
C SER A 927 -30.56 -29.19 -18.33
N GLU A 928 -29.95 -28.40 -19.22
CA GLU A 928 -30.73 -27.82 -20.32
C GLU A 928 -31.30 -28.90 -21.23
N ALA A 929 -30.49 -29.91 -21.55
CA ALA A 929 -30.97 -31.01 -22.37
C ALA A 929 -32.13 -31.73 -21.70
N LEU A 930 -32.01 -32.01 -20.40
CA LEU A 930 -33.10 -32.69 -19.69
C LEU A 930 -34.36 -31.85 -19.67
N ILE A 931 -34.23 -30.55 -19.41
CA ILE A 931 -35.39 -29.67 -19.40
C ILE A 931 -36.12 -29.74 -20.73
N LEU A 932 -35.38 -29.58 -21.83
CA LEU A 932 -36.02 -29.55 -23.13
C LEU A 932 -36.62 -30.91 -23.48
N TRP A 933 -35.94 -32.01 -23.12
CA TRP A 933 -36.49 -33.33 -23.44
C TRP A 933 -37.78 -33.60 -22.68
N TYR A 934 -37.81 -33.28 -21.39
CA TYR A 934 -39.03 -33.49 -20.62
C TYR A 934 -40.14 -32.58 -21.14
N GLY A 935 -39.79 -31.35 -21.53
CA GLY A 935 -40.80 -30.48 -22.10
C GLY A 935 -41.41 -31.05 -23.37
N ALA A 936 -40.55 -31.56 -24.25
CA ALA A 936 -41.06 -32.14 -25.49
C ALA A 936 -41.93 -33.36 -25.23
N HIS A 937 -41.52 -34.21 -24.30
CA HIS A 937 -42.33 -35.37 -23.96
C HIS A 937 -43.67 -34.96 -23.37
N LEU A 938 -43.67 -33.93 -22.54
CA LEU A 938 -44.91 -33.44 -21.95
C LEU A 938 -45.81 -32.82 -23.02
N VAL A 939 -45.23 -32.23 -24.07
CA VAL A 939 -46.03 -31.79 -25.21
C VAL A 939 -46.73 -32.98 -25.84
N SER A 940 -46.06 -34.14 -25.87
CA SER A 940 -46.62 -35.30 -26.56
C SER A 940 -47.92 -35.76 -25.94
N LYS A 941 -48.02 -35.69 -24.60
CA LYS A 941 -49.23 -36.15 -23.93
C LYS A 941 -50.28 -35.03 -23.84
N GLY A 942 -50.51 -34.37 -24.97
CA GLY A 942 -51.58 -33.40 -25.16
C GLY A 942 -51.93 -32.50 -24.00
N VAL A 943 -50.93 -32.03 -23.25
CA VAL A 943 -51.20 -31.13 -22.13
C VAL A 943 -50.26 -29.92 -22.19
N SER A 944 -49.73 -29.64 -23.37
CA SER A 944 -48.88 -28.47 -23.61
C SER A 944 -48.81 -28.24 -25.11
N THR A 945 -47.97 -27.30 -25.52
CA THR A 945 -47.81 -26.96 -26.93
C THR A 945 -46.50 -26.20 -27.11
N PHE A 946 -46.24 -25.77 -28.34
CA PHE A 946 -45.06 -24.96 -28.64
C PHE A 946 -45.37 -23.50 -28.33
N SER A 947 -45.86 -23.23 -27.12
CA SER A 947 -46.04 -21.86 -26.66
C SER A 947 -45.64 -21.64 -25.21
N LYS A 948 -45.63 -22.68 -24.38
CA LYS A 948 -45.37 -22.56 -22.96
C LYS A 948 -44.02 -23.09 -22.54
N VAL A 949 -43.53 -24.16 -23.20
CA VAL A 949 -42.22 -24.71 -22.84
C VAL A 949 -41.12 -23.72 -23.20
N ILE A 950 -41.18 -23.15 -24.40
CA ILE A 950 -40.13 -22.23 -24.84
C ILE A 950 -40.14 -20.96 -23.99
N LYS A 951 -41.33 -20.41 -23.73
CA LYS A 951 -41.41 -19.18 -22.95
C LYS A 951 -40.85 -19.39 -21.54
N VAL A 952 -41.33 -20.43 -20.85
CA VAL A 952 -40.88 -20.68 -19.49
C VAL A 952 -39.38 -20.98 -19.47
N PHE A 953 -38.90 -21.73 -20.48
CA PHE A 953 -37.49 -22.10 -20.51
C PHE A 953 -36.60 -20.86 -20.65
N VAL A 954 -36.89 -20.01 -21.65
CA VAL A 954 -36.03 -18.87 -21.89
C VAL A 954 -36.13 -17.85 -20.75
N VAL A 955 -37.33 -17.63 -20.23
CA VAL A 955 -37.48 -16.68 -19.13
C VAL A 955 -36.70 -17.15 -17.91
N LEU A 956 -36.78 -18.45 -17.60
CA LEU A 956 -36.09 -18.94 -16.41
C LEU A 956 -34.59 -18.97 -16.61
N VAL A 957 -34.11 -19.21 -17.82
CA VAL A 957 -32.67 -19.17 -18.07
C VAL A 957 -32.14 -17.75 -17.87
N ILE A 958 -32.85 -16.75 -18.42
CA ILE A 958 -32.38 -15.38 -18.28
C ILE A 958 -32.43 -14.94 -16.82
N THR A 959 -33.49 -15.30 -16.09
CA THR A 959 -33.54 -14.91 -14.68
C THR A 959 -32.49 -15.66 -13.87
N ALA A 960 -32.10 -16.87 -14.28
CA ALA A 960 -30.99 -17.55 -13.64
C ALA A 960 -29.69 -16.80 -13.87
N ASN A 961 -29.50 -16.26 -15.08
CA ASN A 961 -28.33 -15.40 -15.33
C ASN A 961 -28.32 -14.20 -14.41
N SER A 962 -29.48 -13.55 -14.24
CA SER A 962 -29.55 -12.39 -13.36
C SER A 962 -29.25 -12.76 -11.91
N VAL A 963 -29.80 -13.89 -11.44
CA VAL A 963 -29.52 -14.31 -10.07
C VAL A 963 -28.05 -14.66 -9.89
N ALA A 964 -27.42 -15.22 -10.93
CA ALA A 964 -25.99 -15.47 -10.87
C ALA A 964 -25.20 -14.18 -10.73
N GLU A 965 -25.59 -13.15 -11.50
CA GLU A 965 -24.98 -11.83 -11.30
C GLU A 965 -25.18 -11.34 -9.87
N THR A 966 -26.34 -11.61 -9.28
CA THR A 966 -26.60 -11.20 -7.91
C THR A 966 -25.65 -11.88 -6.94
N VAL A 967 -25.41 -13.19 -7.13
CA VAL A 967 -24.60 -13.94 -6.18
C VAL A 967 -23.17 -13.43 -6.15
N SER A 968 -22.68 -12.90 -7.29
CA SER A 968 -21.31 -12.42 -7.36
C SER A 968 -21.08 -11.22 -6.44
N LEU A 969 -22.15 -10.55 -6.03
CA LEU A 969 -22.00 -9.41 -5.12
C LEU A 969 -21.72 -9.87 -3.69
N ALA A 970 -22.05 -11.12 -3.37
CA ALA A 970 -21.85 -11.64 -2.02
C ALA A 970 -20.37 -11.60 -1.62
N PRO A 971 -19.42 -12.05 -2.47
CA PRO A 971 -18.00 -11.86 -2.12
C PRO A 971 -17.62 -10.40 -1.93
N GLU A 972 -18.20 -9.50 -2.73
CA GLU A 972 -17.90 -8.08 -2.57
C GLU A 972 -18.34 -7.57 -1.21
N ILE A 973 -19.55 -7.94 -0.78
CA ILE A 973 -20.00 -7.59 0.56
C ILE A 973 -19.13 -8.27 1.61
N ILE A 974 -18.83 -9.56 1.37
CA ILE A 974 -18.02 -10.32 2.33
C ILE A 974 -16.58 -9.81 2.33
N ARG A 975 -16.13 -9.26 1.20
CA ARG A 975 -14.73 -8.88 0.99
C ARG A 975 -14.16 -8.10 2.16
N GLY A 976 -13.19 -8.70 2.86
CA GLY A 976 -12.54 -8.11 4.00
C GLY A 976 -13.46 -7.39 4.98
N GLY A 977 -14.71 -7.84 5.10
CA GLY A 977 -15.67 -7.09 5.87
C GLY A 977 -15.80 -5.69 5.33
N GLU A 978 -16.46 -5.55 4.17
CA GLU A 978 -16.41 -4.38 3.26
C GLU A 978 -16.36 -3.11 4.12
N ALA A 979 -15.63 -2.08 3.68
CA ALA A 979 -14.75 -1.29 4.53
C ALA A 979 -15.46 -0.59 5.68
N VAL A 980 -16.76 -0.81 5.85
CA VAL A 980 -17.35 -0.43 7.13
C VAL A 980 -17.17 -1.59 8.10
N GLY A 981 -15.94 -1.73 8.59
CA GLY A 981 -15.63 -2.57 9.74
C GLY A 981 -14.81 -1.75 10.70
N SER A 982 -14.12 -0.76 10.15
CA SER A 982 -13.34 0.22 10.89
C SER A 982 -13.89 1.63 10.74
N VAL A 983 -14.76 1.86 9.76
CA VAL A 983 -15.44 3.13 9.60
C VAL A 983 -16.28 3.39 10.84
N PHE A 984 -16.96 2.36 11.31
CA PHE A 984 -17.82 2.47 12.49
C PHE A 984 -17.04 2.24 13.77
N SER A 985 -15.76 1.89 13.67
CA SER A 985 -14.92 1.69 14.84
C SER A 985 -14.42 3.02 15.39
N VAL A 986 -13.70 3.79 14.57
CA VAL A 986 -13.19 5.09 14.98
C VAL A 986 -14.35 6.03 15.27
N LEU A 987 -15.48 5.79 14.59
CA LEU A 987 -16.66 6.62 14.79
C LEU A 987 -17.18 6.52 16.22
N ASP A 988 -17.05 5.36 16.86
CA ASP A 988 -17.47 5.21 18.24
C ASP A 988 -16.37 4.64 19.12
N ARG A 989 -15.12 5.04 18.88
CA ARG A 989 -13.99 4.62 19.72
C ARG A 989 -13.85 5.66 20.83
N GLN A 990 -14.34 5.30 22.02
CA GLN A 990 -14.30 6.23 23.14
C GLN A 990 -12.85 6.48 23.57
N THR A 991 -12.58 7.73 23.93
CA THR A 991 -11.22 8.17 24.23
C THR A 991 -10.91 7.96 25.70
N ARG A 992 -9.76 8.48 26.15
CA ARG A 992 -9.36 8.40 27.55
C ARG A 992 -9.72 9.68 28.29
N ILE A 993 -9.24 10.83 27.80
CA ILE A 993 -9.58 12.11 28.42
C ILE A 993 -11.07 12.37 28.33
N ASP A 994 -11.66 12.14 27.16
CA ASP A 994 -13.04 12.50 26.87
C ASP A 994 -13.32 13.97 27.23
N PRO A 995 -12.78 14.92 26.44
CA PRO A 995 -12.93 16.34 26.77
C PRO A 995 -14.36 16.86 26.71
N ASP A 996 -15.34 15.97 26.50
CA ASP A 996 -16.73 16.37 26.34
C ASP A 996 -17.20 17.20 27.52
N ASP A 997 -17.93 18.28 27.22
CA ASP A 997 -18.35 19.24 28.23
C ASP A 997 -19.83 19.10 28.58
N ALA A 998 -20.36 17.88 28.64
CA ALA A 998 -21.80 17.60 28.79
C ALA A 998 -22.36 18.42 29.96
N ASP A 999 -21.87 18.24 31.19
CA ASP A 999 -22.43 18.94 32.34
C ASP A 999 -21.39 19.45 33.32
N ALA A 1000 -20.10 19.36 32.99
CA ALA A 1000 -19.06 19.92 33.85
C ALA A 1000 -19.22 21.42 33.95
N ASP A 1001 -19.05 21.95 35.16
CA ASP A 1001 -19.20 23.38 35.41
C ASP A 1001 -18.15 24.16 34.64
N PRO A 1002 -18.54 25.15 33.84
CA PRO A 1002 -17.56 25.90 33.04
C PRO A 1002 -16.72 26.85 33.87
N VAL A 1003 -15.72 27.46 33.25
CA VAL A 1003 -14.82 28.40 33.91
C VAL A 1003 -14.89 29.72 33.16
N GLU A 1004 -15.03 30.81 33.91
CA GLU A 1004 -15.14 32.14 33.33
C GLU A 1004 -13.83 32.90 33.29
N THR A 1005 -12.95 32.71 34.28
CA THR A 1005 -11.70 33.44 34.34
C THR A 1005 -10.68 32.61 35.12
N ILE A 1006 -9.45 32.58 34.60
CA ILE A 1006 -8.34 31.88 35.24
C ILE A 1006 -7.30 32.90 35.64
N ARG A 1007 -6.90 32.87 36.92
CA ARG A 1007 -5.90 33.79 37.43
C ARG A 1007 -4.50 33.19 37.49
N GLY A 1008 -4.38 31.87 37.50
CA GLY A 1008 -3.09 31.21 37.51
C GLY A 1008 -2.73 30.59 38.84
N ASP A 1009 -2.93 29.27 38.95
CA ASP A 1009 -2.60 28.51 40.15
C ASP A 1009 -1.99 27.18 39.76
N ILE A 1010 -1.07 27.21 38.80
CA ILE A 1010 -0.46 25.99 38.27
C ILE A 1010 0.33 25.29 39.35
N GLU A 1011 -0.14 24.11 39.78
CA GLU A 1011 0.54 23.31 40.78
C GLU A 1011 0.42 21.84 40.39
N PHE A 1012 1.52 21.12 40.53
CA PHE A 1012 1.58 19.71 40.17
C PHE A 1012 1.48 18.84 41.41
N ARG A 1013 0.51 17.93 41.41
CA ARG A 1013 0.42 16.93 42.46
C ARG A 1013 1.31 15.74 42.10
N HIS A 1014 1.19 14.65 42.84
CA HIS A 1014 2.01 13.47 42.58
C HIS A 1014 1.57 12.86 41.25
N VAL A 1015 2.36 13.10 40.20
CA VAL A 1015 2.00 12.77 38.83
C VAL A 1015 3.08 11.89 38.23
N ASP A 1016 2.68 10.78 37.63
CA ASP A 1016 3.55 9.93 36.84
C ASP A 1016 2.95 9.75 35.46
N PHE A 1017 3.81 9.63 34.45
CA PHE A 1017 3.33 9.55 33.08
C PHE A 1017 4.25 8.64 32.26
N ALA A 1018 3.64 7.90 31.35
CA ALA A 1018 4.36 7.04 30.41
C ALA A 1018 3.75 7.20 29.03
N TYR A 1019 4.60 7.05 28.01
CA TYR A 1019 4.13 7.17 26.64
C TYR A 1019 3.22 6.00 26.30
N PRO A 1020 1.97 6.24 25.86
CA PRO A 1020 1.11 5.12 25.45
C PRO A 1020 1.69 4.31 24.30
N SER A 1021 2.44 4.94 23.41
CA SER A 1021 3.05 4.19 22.31
C SER A 1021 4.04 3.16 22.82
N ARG A 1022 4.86 3.53 23.81
CA ARG A 1022 5.84 2.64 24.40
C ARG A 1022 5.67 2.64 25.92
N PRO A 1023 5.00 1.64 26.48
CA PRO A 1023 4.83 1.61 27.95
C PRO A 1023 6.14 1.46 28.72
N ASP A 1024 7.21 1.00 28.06
CA ASP A 1024 8.50 0.79 28.72
C ASP A 1024 9.18 2.10 29.15
N VAL A 1025 8.54 3.24 28.99
CA VAL A 1025 9.13 4.51 29.38
C VAL A 1025 8.64 4.86 30.79
N MET A 1026 9.59 4.96 31.74
CA MET A 1026 9.26 5.35 33.10
C MET A 1026 10.01 6.63 33.48
N VAL A 1027 10.01 7.62 32.59
CA VAL A 1027 10.75 8.85 32.86
C VAL A 1027 10.14 9.60 34.04
N PHE A 1028 8.81 9.59 34.16
CA PHE A 1028 8.12 10.33 35.21
C PHE A 1028 7.74 9.37 36.33
N ARG A 1029 8.15 9.71 37.56
CA ARG A 1029 7.73 8.95 38.74
C ARG A 1029 7.64 9.96 39.89
N ASP A 1030 6.41 10.30 40.26
CA ASP A 1030 6.11 11.19 41.39
C ASP A 1030 6.75 12.58 41.21
N PHE A 1031 6.34 13.26 40.14
CA PHE A 1031 6.79 14.62 39.90
C PHE A 1031 5.95 15.61 40.71
N ASN A 1032 6.59 16.70 41.13
CA ASN A 1032 5.92 17.72 41.93
C ASN A 1032 6.53 19.09 41.62
N LEU A 1033 5.67 20.08 41.36
CA LEU A 1033 6.10 21.45 41.18
C LEU A 1033 4.94 22.39 41.49
N ARG A 1034 5.28 23.64 41.79
CA ARG A 1034 4.30 24.66 42.14
C ARG A 1034 4.67 25.95 41.42
N ILE A 1035 3.69 26.57 40.76
CA ILE A 1035 3.87 27.81 40.03
C ILE A 1035 2.83 28.81 40.50
N ARG A 1036 3.27 29.99 40.90
CA ARG A 1036 2.37 31.05 41.34
C ARG A 1036 2.07 32.01 40.20
N ALA A 1037 1.04 32.82 40.39
CA ALA A 1037 0.57 33.72 39.34
C ALA A 1037 1.56 34.87 39.14
N GLY A 1038 1.57 35.40 37.91
CA GLY A 1038 2.40 36.54 37.58
C GLY A 1038 3.89 36.30 37.63
N HIS A 1039 4.36 35.18 37.10
CA HIS A 1039 5.77 34.85 37.11
C HIS A 1039 6.11 34.02 35.88
N SER A 1040 7.30 33.44 35.87
CA SER A 1040 7.78 32.63 34.76
C SER A 1040 8.57 31.43 35.29
N GLN A 1041 8.82 30.47 34.41
CA GLN A 1041 9.57 29.28 34.76
C GLN A 1041 10.58 28.98 33.65
N ALA A 1042 11.74 28.45 34.04
CA ALA A 1042 12.85 28.20 33.12
C ALA A 1042 13.35 26.77 33.25
N LEU A 1043 12.44 25.80 33.22
CA LEU A 1043 12.80 24.40 33.32
C LEU A 1043 13.72 23.98 32.17
N VAL A 1044 14.98 23.69 32.48
CA VAL A 1044 15.94 23.31 31.45
C VAL A 1044 15.63 21.90 30.95
N GLY A 1045 16.09 21.62 29.73
CA GLY A 1045 15.87 20.30 29.15
C GLY A 1045 16.57 19.20 29.92
N ALA A 1046 17.75 19.47 30.44
CA ALA A 1046 18.54 18.51 31.23
C ALA A 1046 18.81 17.24 30.43
N SER A 1047 19.49 17.42 29.29
CA SER A 1047 19.87 16.33 28.40
C SER A 1047 18.65 15.52 27.94
N GLY A 1048 17.55 16.23 27.69
CA GLY A 1048 16.34 15.58 27.22
C GLY A 1048 15.74 14.60 28.20
N SER A 1049 15.72 14.95 29.49
CA SER A 1049 15.12 14.11 30.52
C SER A 1049 13.64 14.42 30.62
N GLY A 1050 12.92 14.03 29.57
CA GLY A 1050 11.50 14.34 29.47
C GLY A 1050 11.21 15.82 29.34
N LYS A 1051 12.03 16.54 28.56
CA LYS A 1051 11.85 17.98 28.43
C LYS A 1051 10.53 18.32 27.74
N SER A 1052 10.17 17.57 26.70
CA SER A 1052 8.94 17.84 25.96
C SER A 1052 7.77 17.05 26.53
N SER A 1053 7.60 17.12 27.85
CA SER A 1053 6.45 16.52 28.51
C SER A 1053 5.79 17.42 29.54
N VAL A 1054 6.48 18.42 30.10
CA VAL A 1054 5.84 19.36 30.99
C VAL A 1054 4.84 20.23 30.24
N ILE A 1055 5.21 20.66 29.03
CA ILE A 1055 4.31 21.43 28.19
C ILE A 1055 3.10 20.61 27.77
N ALA A 1056 3.25 19.29 27.67
CA ALA A 1056 2.15 18.42 27.27
C ALA A 1056 1.23 18.04 28.42
N MET A 1057 1.54 18.48 29.63
CA MET A 1057 0.69 18.19 30.79
C MET A 1057 0.11 19.42 31.45
N ILE A 1058 0.53 20.62 31.08
CA ILE A 1058 -0.17 21.82 31.53
C ILE A 1058 -1.59 21.83 31.01
N GLU A 1059 -1.77 21.56 29.73
CA GLU A 1059 -3.07 21.27 29.14
C GLU A 1059 -3.24 19.77 28.98
N ARG A 1060 -4.48 19.36 28.78
CA ARG A 1060 -4.82 17.95 28.84
C ARG A 1060 -4.46 17.23 27.55
N PHE A 1061 -3.18 17.24 27.18
CA PHE A 1061 -2.73 16.38 26.08
C PHE A 1061 -2.57 14.92 26.51
N TYR A 1062 -2.19 14.68 27.76
CA TYR A 1062 -1.95 13.33 28.24
C TYR A 1062 -2.58 13.15 29.62
N ASP A 1063 -2.99 11.92 29.90
CA ASP A 1063 -3.57 11.56 31.18
C ASP A 1063 -2.48 11.08 32.13
N PRO A 1064 -2.35 11.68 33.32
CA PRO A 1064 -1.39 11.16 34.29
C PRO A 1064 -1.73 9.75 34.72
N LEU A 1065 -0.69 8.94 34.95
CA LEU A 1065 -0.90 7.57 35.41
C LEU A 1065 -1.54 7.56 36.80
N ALA A 1066 -1.11 8.46 37.67
CA ALA A 1066 -1.69 8.58 39.00
C ALA A 1066 -1.66 10.04 39.41
N GLY A 1067 -2.54 10.40 40.34
CA GLY A 1067 -2.62 11.76 40.83
C GLY A 1067 -3.48 12.65 39.95
N LYS A 1068 -3.54 13.92 40.35
CA LYS A 1068 -4.36 14.93 39.68
C LYS A 1068 -3.50 16.16 39.40
N VAL A 1069 -4.09 17.10 38.64
CA VAL A 1069 -3.48 18.38 38.38
C VAL A 1069 -4.45 19.45 38.85
N MET A 1070 -3.97 20.35 39.72
CA MET A 1070 -4.81 21.39 40.31
C MET A 1070 -4.50 22.71 39.62
N ILE A 1071 -5.54 23.33 39.05
CA ILE A 1071 -5.44 24.65 38.43
C ILE A 1071 -6.57 25.51 38.96
N ASP A 1072 -6.23 26.70 39.44
CA ASP A 1072 -7.21 27.65 40.00
C ASP A 1072 -8.03 27.02 41.11
N GLY A 1073 -7.38 26.18 41.91
CA GLY A 1073 -8.04 25.57 43.05
C GLY A 1073 -9.02 24.47 42.73
N LYS A 1074 -9.01 23.95 41.50
CA LYS A 1074 -9.95 22.91 41.09
C LYS A 1074 -9.21 21.81 40.33
N ASP A 1075 -9.79 20.62 40.34
CA ASP A 1075 -9.22 19.50 39.60
C ASP A 1075 -9.27 19.77 38.10
N ILE A 1076 -8.27 19.26 37.39
CA ILE A 1076 -8.21 19.46 35.94
C ILE A 1076 -9.32 18.68 35.25
N ARG A 1077 -9.66 17.49 35.74
CA ARG A 1077 -10.69 16.68 35.13
C ARG A 1077 -12.06 16.92 35.76
N ARG A 1078 -12.44 18.19 35.88
CA ARG A 1078 -13.78 18.56 36.30
C ARG A 1078 -14.32 19.78 35.59
N LEU A 1079 -13.59 20.35 34.63
CA LEU A 1079 -13.96 21.59 33.98
C LEU A 1079 -13.86 21.41 32.47
N ASN A 1080 -14.55 22.30 31.75
CA ASN A 1080 -14.51 22.26 30.30
C ASN A 1080 -13.10 22.54 29.79
N LEU A 1081 -12.70 21.80 28.76
CA LEU A 1081 -11.36 21.95 28.21
C LEU A 1081 -11.26 23.16 27.30
N LYS A 1082 -12.34 23.51 26.61
CA LYS A 1082 -12.30 24.58 25.62
C LYS A 1082 -11.98 25.92 26.28
N SER A 1083 -12.62 26.21 27.41
CA SER A 1083 -12.38 27.50 28.08
C SER A 1083 -10.94 27.60 28.56
N LEU A 1084 -10.40 26.52 29.13
CA LEU A 1084 -9.02 26.54 29.58
C LEU A 1084 -8.05 26.67 28.42
N ARG A 1085 -8.37 26.06 27.28
CA ARG A 1085 -7.48 26.12 26.12
C ARG A 1085 -7.55 27.45 25.37
N LEU A 1086 -8.69 28.16 25.44
CA LEU A 1086 -8.80 29.41 24.71
C LEU A 1086 -8.19 30.59 25.45
N LYS A 1087 -7.67 30.39 26.66
CA LYS A 1087 -6.99 31.46 27.38
C LYS A 1087 -5.54 31.09 27.70
N ILE A 1088 -5.06 29.97 27.17
CA ILE A 1088 -3.67 29.54 27.34
C ILE A 1088 -3.11 29.21 25.98
N GLY A 1089 -1.94 29.75 25.66
CA GLY A 1089 -1.29 29.49 24.40
C GLY A 1089 0.15 29.10 24.60
N LEU A 1090 0.67 28.34 23.64
CA LEU A 1090 2.04 27.84 23.69
C LEU A 1090 2.80 28.25 22.45
N VAL A 1091 4.11 27.99 22.47
CA VAL A 1091 4.98 28.16 21.31
C VAL A 1091 5.53 26.79 20.96
N GLN A 1092 5.21 26.31 19.75
CA GLN A 1092 5.59 24.97 19.36
C GLN A 1092 7.09 24.87 19.13
N GLN A 1093 7.62 23.65 19.31
CA GLN A 1093 9.04 23.41 19.05
C GLN A 1093 9.38 23.68 17.60
N GLU A 1094 8.55 23.22 16.68
CA GLU A 1094 8.74 23.44 15.24
C GLU A 1094 7.58 24.28 14.73
N PRO A 1095 7.75 25.59 14.60
CA PRO A 1095 6.66 26.44 14.10
C PRO A 1095 6.23 26.02 12.71
N ALA A 1096 4.92 26.11 12.45
CA ALA A 1096 4.38 25.70 11.17
C ALA A 1096 3.22 26.62 10.81
N LEU A 1097 2.89 26.63 9.52
CA LEU A 1097 1.79 27.43 9.00
C LEU A 1097 0.78 26.53 8.30
N PHE A 1098 -0.48 26.96 8.34
CA PHE A 1098 -1.55 26.18 7.74
C PHE A 1098 -1.57 26.37 6.22
N ALA A 1099 -2.21 25.43 5.53
CA ALA A 1099 -2.26 25.43 4.08
C ALA A 1099 -3.22 26.49 3.57
N ALA A 1100 -2.84 27.76 3.71
CA ALA A 1100 -3.65 28.87 3.23
C ALA A 1100 -2.76 30.10 3.10
N THR A 1101 -3.31 31.14 2.50
CA THR A 1101 -2.60 32.40 2.41
C THR A 1101 -2.40 32.99 3.80
N ILE A 1102 -1.41 33.87 3.92
CA ILE A 1102 -1.00 34.38 5.25
C ILE A 1102 -1.91 35.57 5.54
N PHE A 1103 -3.13 35.27 5.96
CA PHE A 1103 -3.99 36.22 6.66
C PHE A 1103 -4.67 35.62 7.89
N ASP A 1104 -4.95 34.32 7.89
CA ASP A 1104 -5.42 33.62 9.09
C ASP A 1104 -4.29 32.91 9.84
N ASN A 1105 -3.17 32.65 9.16
CA ASN A 1105 -2.00 32.10 9.85
C ASN A 1105 -1.48 33.03 10.93
N ILE A 1106 -1.87 34.31 10.88
CA ILE A 1106 -1.56 35.24 11.96
C ILE A 1106 -2.76 35.44 12.88
N ALA A 1107 -3.98 35.29 12.36
CA ALA A 1107 -5.19 35.52 13.13
C ALA A 1107 -5.82 34.23 13.63
N TYR A 1108 -5.13 33.10 13.51
CA TYR A 1108 -5.68 31.83 13.95
C TYR A 1108 -5.86 31.77 15.46
N GLY A 1109 -5.17 32.63 16.21
CA GLY A 1109 -5.25 32.59 17.66
C GLY A 1109 -6.52 33.16 18.26
N LYS A 1110 -7.20 34.06 17.55
CA LYS A 1110 -8.38 34.70 18.10
C LYS A 1110 -9.41 34.85 16.99
N ASP A 1111 -10.66 34.48 17.29
CA ASP A 1111 -11.77 34.59 16.35
C ASP A 1111 -12.67 35.74 16.76
N GLY A 1112 -13.01 36.59 15.79
CA GLY A 1112 -13.81 37.77 16.07
C GLY A 1112 -13.13 39.03 15.57
N ALA A 1113 -11.80 39.05 15.64
CA ALA A 1113 -11.02 40.16 15.11
C ALA A 1113 -10.61 39.85 13.68
N THR A 1114 -10.82 40.81 12.78
CA THR A 1114 -10.56 40.63 11.35
C THR A 1114 -9.43 41.51 10.86
N GLU A 1115 -9.51 42.83 11.05
CA GLU A 1115 -8.51 43.75 10.55
C GLU A 1115 -8.03 44.77 11.57
N SER A 1116 -8.68 44.88 12.73
CA SER A 1116 -8.34 45.93 13.68
C SER A 1116 -7.01 45.63 14.38
N GLU A 1117 -6.94 44.52 15.11
CA GLU A 1117 -5.79 44.21 15.93
C GLU A 1117 -4.73 43.39 15.21
N VAL A 1118 -5.03 42.89 14.01
CA VAL A 1118 -4.05 42.07 13.28
C VAL A 1118 -2.83 42.90 12.91
N ILE A 1119 -3.04 44.09 12.37
CA ILE A 1119 -1.93 44.96 12.01
C ILE A 1119 -1.20 45.45 13.26
N ASP A 1120 -1.95 45.72 14.33
CA ASP A 1120 -1.34 46.15 15.58
C ASP A 1120 -0.40 45.09 16.13
N ALA A 1121 -0.84 43.83 16.12
CA ALA A 1121 -0.01 42.74 16.62
C ALA A 1121 1.05 42.31 15.63
N ALA A 1122 0.94 42.71 14.36
CA ALA A 1122 1.96 42.37 13.39
C ALA A 1122 3.32 42.98 13.74
N ARG A 1123 3.32 44.09 14.48
CA ARG A 1123 4.57 44.70 14.95
C ARG A 1123 4.98 44.17 16.31
N ALA A 1124 5.08 42.85 16.40
CA ALA A 1124 5.69 42.16 17.53
C ALA A 1124 6.97 41.43 17.14
N ALA A 1125 6.96 40.74 16.00
CA ALA A 1125 8.15 40.15 15.41
C ALA A 1125 8.57 41.01 14.23
N ASN A 1126 9.86 41.29 14.13
CA ASN A 1126 10.38 42.20 13.11
C ASN A 1126 10.38 41.49 11.76
N ALA A 1127 9.18 41.39 11.17
CA ALA A 1127 8.99 40.79 9.86
C ALA A 1127 8.04 41.61 8.99
N HIS A 1128 7.72 42.83 9.42
CA HIS A 1128 6.85 43.68 8.61
C HIS A 1128 7.50 44.02 7.28
N GLY A 1129 8.80 44.30 7.28
CA GLY A 1129 9.51 44.48 6.02
C GLY A 1129 9.53 43.22 5.17
N PHE A 1130 9.57 42.06 5.82
CA PHE A 1130 9.52 40.80 5.08
C PHE A 1130 8.19 40.63 4.34
N ILE A 1131 7.08 40.98 4.99
CA ILE A 1131 5.78 40.86 4.35
C ILE A 1131 5.49 42.03 3.43
N SER A 1132 6.22 43.13 3.56
CA SER A 1132 6.03 44.27 2.66
C SER A 1132 6.36 43.90 1.22
N GLY A 1133 7.42 43.11 1.03
CA GLY A 1133 7.77 42.65 -0.30
C GLY A 1133 7.04 41.37 -0.65
N LEU A 1134 5.94 41.51 -1.38
CA LEU A 1134 5.11 40.38 -1.78
C LEU A 1134 4.19 40.85 -2.88
N PRO A 1135 4.02 40.09 -3.98
CA PRO A 1135 3.19 40.57 -5.09
C PRO A 1135 1.74 40.78 -4.70
N GLU A 1136 1.10 39.76 -4.13
CA GLU A 1136 -0.33 39.82 -3.82
C GLU A 1136 -0.55 40.26 -2.37
N GLY A 1137 0.08 41.37 -2.01
CA GLY A 1137 -0.09 41.96 -0.69
C GLY A 1137 0.27 41.03 0.45
N TYR A 1138 -0.74 40.58 1.20
CA TYR A 1138 -0.54 39.61 2.26
C TYR A 1138 -0.72 38.17 1.80
N LYS A 1139 -1.60 37.93 0.84
CA LYS A 1139 -1.93 36.56 0.45
C LYS A 1139 -0.76 35.91 -0.26
N THR A 1140 -0.41 34.69 0.19
CA THR A 1140 0.64 33.90 -0.45
C THR A 1140 0.55 32.44 0.02
N PRO A 1141 0.58 31.49 -0.91
CA PRO A 1141 0.59 30.07 -0.52
C PRO A 1141 1.96 29.68 0.04
N VAL A 1142 1.97 29.14 1.25
CA VAL A 1142 3.22 28.76 1.90
C VAL A 1142 3.16 27.29 2.30
N GLY A 1143 1.95 26.77 2.53
CA GLY A 1143 1.82 25.38 2.90
C GLY A 1143 2.20 24.42 1.79
N GLU A 1144 1.68 24.68 0.59
CA GLU A 1144 1.94 23.81 -0.56
C GLU A 1144 1.53 24.55 -1.83
N ARG A 1145 2.14 24.15 -2.95
CA ARG A 1145 1.84 24.71 -4.26
C ARG A 1145 2.03 26.23 -4.28
N GLY A 1146 3.06 26.71 -3.58
CA GLY A 1146 3.32 28.13 -3.52
C GLY A 1146 4.76 28.44 -3.15
N VAL A 1147 5.00 29.65 -2.63
CA VAL A 1147 6.34 30.01 -2.21
C VAL A 1147 6.72 29.23 -0.95
N GLN A 1148 8.00 28.93 -0.82
CA GLN A 1148 8.52 28.19 0.32
C GLN A 1148 9.39 29.13 1.16
N LEU A 1149 9.07 29.25 2.44
CA LEU A 1149 9.76 30.17 3.33
C LEU A 1149 10.81 29.43 4.14
N SER A 1150 11.65 30.20 4.82
CA SER A 1150 12.73 29.65 5.63
C SER A 1150 12.22 29.27 7.02
N GLY A 1151 13.08 28.59 7.78
CA GLY A 1151 12.71 28.19 9.13
C GLY A 1151 12.52 29.35 10.07
N GLY A 1152 13.30 30.42 9.89
CA GLY A 1152 13.24 31.56 10.78
C GLY A 1152 12.04 32.47 10.58
N GLN A 1153 11.23 32.23 9.56
CA GLN A 1153 10.04 33.03 9.32
C GLN A 1153 8.80 32.46 10.00
N LYS A 1154 8.77 31.14 10.21
CA LYS A 1154 7.59 30.51 10.82
C LYS A 1154 7.44 30.92 12.28
N GLN A 1155 8.55 31.02 13.01
CA GLN A 1155 8.48 31.40 14.41
C GLN A 1155 8.01 32.85 14.57
N ARG A 1156 8.30 33.70 13.59
CA ARG A 1156 7.78 35.07 13.63
C ARG A 1156 6.25 35.06 13.61
N ILE A 1157 5.66 34.28 12.71
CA ILE A 1157 4.21 34.19 12.65
C ILE A 1157 3.65 33.51 13.91
N ALA A 1158 4.38 32.54 14.45
CA ALA A 1158 3.94 31.89 15.68
C ALA A 1158 3.87 32.88 16.84
N ILE A 1159 4.91 33.72 16.98
CA ILE A 1159 4.91 34.74 18.02
C ILE A 1159 3.82 35.77 17.74
N ALA A 1160 3.57 36.06 16.46
CA ALA A 1160 2.46 36.95 16.12
C ALA A 1160 1.13 36.39 16.58
N ARG A 1161 0.89 35.10 16.37
CA ARG A 1161 -0.32 34.46 16.87
C ARG A 1161 -0.39 34.53 18.39
N ALA A 1162 0.73 34.26 19.06
CA ALA A 1162 0.75 34.28 20.51
C ALA A 1162 0.39 35.66 21.05
N VAL A 1163 0.93 36.71 20.45
CA VAL A 1163 0.65 38.06 20.93
C VAL A 1163 -0.74 38.52 20.49
N LEU A 1164 -1.27 37.96 19.39
CA LEU A 1164 -2.60 38.35 18.93
C LEU A 1164 -3.68 37.73 19.82
N LYS A 1165 -3.47 36.49 20.25
CA LYS A 1165 -4.46 35.84 21.12
C LYS A 1165 -4.51 36.51 22.49
N ASN A 1166 -3.36 36.96 23.00
CA ASN A 1166 -3.24 37.57 24.33
C ASN A 1166 -3.73 36.60 25.39
N PRO A 1167 -3.02 35.49 25.63
CA PRO A 1167 -3.47 34.52 26.63
C PRO A 1167 -3.03 34.91 28.04
N THR A 1168 -3.32 34.04 29.01
CA THR A 1168 -2.88 34.23 30.39
C THR A 1168 -1.66 33.40 30.72
N VAL A 1169 -1.55 32.18 30.19
CA VAL A 1169 -0.43 31.29 30.43
C VAL A 1169 0.25 30.99 29.10
N LEU A 1170 1.57 31.15 29.06
CA LEU A 1170 2.36 30.95 27.85
C LEU A 1170 3.31 29.79 28.06
N LEU A 1171 3.64 29.10 26.98
CA LEU A 1171 4.62 28.02 27.01
C LEU A 1171 5.62 28.23 25.88
N LEU A 1172 6.90 28.17 26.21
CA LEU A 1172 7.97 28.30 25.24
C LEU A 1172 8.67 26.95 25.06
N ASP A 1173 9.19 26.72 23.85
CA ASP A 1173 9.80 25.44 23.52
C ASP A 1173 10.91 25.66 22.51
N GLU A 1174 12.14 25.27 22.89
CA GLU A 1174 13.28 25.28 22.00
C GLU A 1174 14.12 24.05 22.30
N ALA A 1175 14.40 23.24 21.28
CA ALA A 1175 15.14 22.00 21.51
C ALA A 1175 15.74 21.51 20.20
N THR A 1176 16.71 20.59 20.33
CA THR A 1176 17.34 19.87 19.23
C THR A 1176 17.99 20.81 18.22
N SER A 1177 18.33 22.04 18.63
CA SER A 1177 18.95 23.03 17.76
C SER A 1177 18.12 23.25 16.49
N ALA A 1178 16.80 23.27 16.67
CA ALA A 1178 15.87 23.41 15.56
C ALA A 1178 15.53 24.87 15.24
N LEU A 1179 16.13 25.83 15.96
CA LEU A 1179 15.86 27.23 15.69
C LEU A 1179 16.29 27.62 14.28
N ASP A 1180 17.54 27.28 13.93
CA ASP A 1180 18.09 27.57 12.61
C ASP A 1180 17.95 29.05 12.24
N ALA A 1181 18.23 29.92 13.22
CA ALA A 1181 18.10 31.36 13.05
C ALA A 1181 19.42 32.00 13.49
N GLU A 1182 20.33 32.19 12.53
CA GLU A 1182 21.58 32.88 12.82
C GLU A 1182 21.32 34.36 13.10
N SER A 1183 22.18 34.94 13.93
CA SER A 1183 22.04 36.34 14.38
C SER A 1183 20.67 36.56 15.01
N GLU A 1184 20.45 35.86 16.13
CA GLU A 1184 19.16 35.86 16.81
C GLU A 1184 18.73 37.26 17.22
N CYS A 1185 17.64 37.74 16.63
CA CYS A 1185 17.05 39.02 17.01
C CYS A 1185 15.55 38.95 17.25
N VAL A 1186 14.85 37.95 16.69
CA VAL A 1186 13.41 37.83 16.91
C VAL A 1186 13.11 37.44 18.35
N LEU A 1187 13.92 36.57 18.95
CA LEU A 1187 13.65 36.08 20.30
C LEU A 1187 13.82 37.18 21.34
N GLN A 1188 14.85 38.03 21.19
CA GLN A 1188 15.12 39.05 22.20
C GLN A 1188 13.95 40.02 22.32
N GLU A 1189 13.38 40.44 21.18
CA GLU A 1189 12.22 41.33 21.23
C GLU A 1189 11.02 40.65 21.84
N ALA A 1190 10.81 39.37 21.53
CA ALA A 1190 9.66 38.64 22.05
C ALA A 1190 9.73 38.47 23.57
N LEU A 1191 10.92 38.14 24.09
CA LEU A 1191 11.05 37.89 25.52
C LEU A 1191 10.89 39.15 26.36
N GLU A 1192 11.00 40.34 25.75
CA GLU A 1192 10.75 41.58 26.47
C GLU A 1192 9.39 42.18 26.18
N ARG A 1193 8.59 41.56 25.32
CA ARG A 1193 7.26 42.05 24.97
C ARG A 1193 6.14 41.13 25.41
N LEU A 1194 6.38 39.82 25.43
CA LEU A 1194 5.36 38.82 25.75
C LEU A 1194 5.26 38.54 27.24
N MET A 1195 6.11 39.16 28.07
CA MET A 1195 6.15 38.90 29.50
C MET A 1195 5.49 40.01 30.32
N ARG A 1196 4.79 40.93 29.66
CA ARG A 1196 4.18 42.06 30.38
C ARG A 1196 3.17 41.57 31.40
N GLY A 1197 2.24 40.72 30.98
CA GLY A 1197 1.23 40.20 31.88
C GLY A 1197 0.90 38.74 31.62
N ARG A 1198 1.83 38.02 31.02
CA ARG A 1198 1.63 36.63 30.64
C ARG A 1198 2.59 35.74 31.43
N THR A 1199 2.06 34.64 31.97
CA THR A 1199 2.88 33.65 32.66
C THR A 1199 3.42 32.65 31.64
N THR A 1200 4.74 32.52 31.60
CA THR A 1200 5.40 31.71 30.57
C THR A 1200 6.28 30.65 31.21
N VAL A 1201 6.44 29.54 30.50
CA VAL A 1201 7.32 28.45 30.90
C VAL A 1201 8.34 28.25 29.80
N VAL A 1202 9.62 28.27 30.16
CA VAL A 1202 10.72 28.22 29.20
C VAL A 1202 11.44 26.88 29.35
N VAL A 1203 11.57 26.17 28.24
CA VAL A 1203 12.36 24.94 28.19
C VAL A 1203 13.32 25.03 27.01
N ALA A 1204 14.58 24.67 27.25
CA ALA A 1204 15.60 24.72 26.21
C ALA A 1204 16.80 23.90 26.63
N HIS A 1205 17.23 22.98 25.77
CA HIS A 1205 18.48 22.27 26.03
C HIS A 1205 19.68 23.20 25.91
N ARG A 1206 19.59 24.21 25.06
CA ARG A 1206 20.63 25.23 24.98
C ARG A 1206 20.62 26.07 26.25
N LEU A 1207 21.81 26.37 26.75
CA LEU A 1207 21.96 27.23 27.94
C LEU A 1207 22.22 28.67 27.50
N SER A 1208 21.27 29.22 26.76
CA SER A 1208 21.39 30.57 26.24
C SER A 1208 20.02 31.18 26.07
N THR A 1209 19.91 32.47 26.39
CA THR A 1209 18.66 33.22 26.27
C THR A 1209 17.52 32.54 27.03
N ILE A 1210 17.85 32.02 28.21
CA ILE A 1210 16.88 31.35 29.07
C ILE A 1210 16.95 31.96 30.46
N ARG A 1211 17.32 33.24 30.54
CA ARG A 1211 17.48 33.93 31.81
C ARG A 1211 16.09 34.21 32.39
N GLY A 1212 15.51 33.19 33.01
CA GLY A 1212 14.22 33.34 33.65
C GLY A 1212 14.33 34.23 34.87
N VAL A 1213 13.65 35.37 34.86
CA VAL A 1213 13.74 36.33 35.96
C VAL A 1213 12.94 35.92 37.18
N ASP A 1214 12.22 34.80 37.11
CA ASP A 1214 11.36 34.36 38.21
C ASP A 1214 11.84 33.04 38.82
N CYS A 1215 12.00 32.00 38.02
CA CYS A 1215 12.41 30.70 38.56
C CYS A 1215 13.03 29.86 37.44
N ILE A 1216 13.94 28.98 37.83
CA ILE A 1216 14.59 28.04 36.92
C ILE A 1216 14.67 26.69 37.61
N GLY A 1217 14.43 25.62 36.85
CA GLY A 1217 14.45 24.28 37.42
C GLY A 1217 15.12 23.30 36.47
N VAL A 1218 15.54 22.18 37.06
CA VAL A 1218 16.16 21.08 36.33
C VAL A 1218 15.40 19.81 36.67
N ILE A 1219 15.03 19.05 35.64
CA ILE A 1219 14.25 17.83 35.82
C ILE A 1219 15.17 16.63 35.66
N GLN A 1220 15.14 15.72 36.63
CA GLN A 1220 15.99 14.53 36.61
C GLN A 1220 15.21 13.38 37.22
N ASP A 1221 15.11 12.27 36.47
CA ASP A 1221 14.46 11.04 36.94
C ASP A 1221 13.02 11.27 37.37
N GLY A 1222 12.33 12.20 36.69
CA GLY A 1222 10.94 12.46 36.99
C GLY A 1222 10.68 13.28 38.24
N ARG A 1223 11.70 13.90 38.82
CA ARG A 1223 11.51 14.73 40.00
C ARG A 1223 12.44 15.94 39.92
N ILE A 1224 12.07 16.98 40.65
CA ILE A 1224 12.90 18.18 40.74
C ILE A 1224 14.07 17.89 41.66
N VAL A 1225 15.28 18.24 41.19
CA VAL A 1225 16.48 18.06 41.99
C VAL A 1225 16.98 19.37 42.58
N GLU A 1226 16.58 20.51 42.05
CA GLU A 1226 16.99 21.81 42.55
C GLU A 1226 16.00 22.87 42.08
N GLN A 1227 15.69 23.81 42.96
CA GLN A 1227 14.69 24.84 42.68
C GLN A 1227 15.23 26.21 43.07
N GLY A 1228 14.78 27.22 42.37
CA GLY A 1228 15.18 28.59 42.65
C GLY A 1228 15.15 29.42 41.39
N SER A 1229 15.55 30.67 41.55
CA SER A 1229 15.65 31.60 40.43
C SER A 1229 17.01 31.45 39.76
N HIS A 1230 17.21 32.19 38.67
CA HIS A 1230 18.45 32.09 37.92
C HIS A 1230 19.65 32.54 38.75
N SER A 1231 19.49 33.61 39.53
CA SER A 1231 20.57 34.10 40.36
C SER A 1231 20.96 33.08 41.42
N GLU A 1232 19.97 32.42 42.03
CA GLU A 1232 20.25 31.45 43.08
C GLU A 1232 20.82 30.14 42.56
N LEU A 1233 20.82 29.92 41.25
CA LEU A 1233 21.32 28.68 40.67
C LEU A 1233 22.69 28.81 40.04
N VAL A 1234 23.26 30.01 39.97
CA VAL A 1234 24.53 30.21 39.28
C VAL A 1234 25.70 29.77 40.16
N SER A 1235 25.85 30.40 41.33
CA SER A 1235 27.01 30.18 42.18
C SER A 1235 26.70 29.45 43.48
N ARG A 1236 25.42 29.36 43.88
CA ARG A 1236 25.11 28.69 45.14
C ARG A 1236 25.21 27.17 45.04
N PRO A 1237 24.50 26.49 44.12
CA PRO A 1237 24.52 25.01 44.13
C PRO A 1237 25.64 24.36 43.31
N GLU A 1238 26.84 24.32 43.88
CA GLU A 1238 27.92 23.56 43.27
C GLU A 1238 27.55 22.09 43.26
N GLY A 1239 27.31 21.54 42.07
CA GLY A 1239 26.85 20.17 41.96
C GLY A 1239 26.38 19.80 40.56
N ALA A 1240 25.17 19.26 40.47
CA ALA A 1240 24.64 18.84 39.18
C ALA A 1240 24.51 20.01 38.21
N TYR A 1241 24.14 21.19 38.73
CA TYR A 1241 24.03 22.37 37.88
C TYR A 1241 25.36 22.79 37.28
N SER A 1242 26.48 22.42 37.92
CA SER A 1242 27.79 22.70 37.32
C SER A 1242 27.96 21.94 36.01
N ARG A 1243 27.38 20.75 35.95
CA ARG A 1243 27.39 20.06 34.64
C ARG A 1243 26.95 21.11 33.62
N LEU A 1244 25.86 21.83 33.91
CA LEU A 1244 25.33 22.82 32.94
C LEU A 1244 26.42 23.78 32.46
N LEU A 1245 27.17 24.38 33.40
CA LEU A 1245 28.19 25.39 33.02
C LEU A 1245 29.24 24.77 32.11
N GLN A 1246 29.84 23.65 32.54
CA GLN A 1246 30.91 23.01 31.74
C GLN A 1246 30.34 22.64 30.36
N LEU A 1247 29.07 22.24 30.31
CA LEU A 1247 28.40 21.87 29.04
C LEU A 1247 28.40 23.08 28.12
N GLN A 1248 27.76 24.17 28.55
CA GLN A 1248 27.77 25.40 27.72
C GLN A 1248 29.21 25.67 27.27
N THR A 1249 30.20 25.51 28.16
CA THR A 1249 31.60 25.84 27.79
C THR A 1249 32.05 24.96 26.61
N HIS A 1250 32.08 23.63 26.78
CA HIS A 1250 32.42 22.73 25.65
C HIS A 1250 31.70 23.20 24.38
N ARG A 1251 30.39 23.44 24.48
CA ARG A 1251 29.59 23.81 23.28
C ARG A 1251 30.19 25.05 22.60
N ILE A 1252 30.23 26.19 23.30
CA ILE A 1252 30.81 27.44 22.72
C ILE A 1252 32.01 27.06 21.83
C01 BLD B . -27.96 -8.31 -21.35
C02 BLD B . -28.31 -6.87 -21.08
O02 BLD B . -28.01 -6.56 -19.72
C03 BLD B . -27.56 -5.92 -22.01
O03 BLD B . -26.16 -5.94 -21.74
C04 BLD B . -27.81 -6.28 -23.46
C05 BLD B . -27.25 -7.69 -23.66
C06 BLD B . -27.19 -8.08 -25.11
O06 BLD B . -27.77 -7.52 -26.00
C07 BLD B . -26.92 -10.41 -25.48
O07 BLD B . -26.36 -9.11 -25.27
C08 BLD B . -27.70 -10.91 -24.29
C09 BLD B . -27.43 -10.18 -22.97
C10 BLD B . -28.02 -8.75 -22.82
C11 BLD B . -27.98 -11.00 -21.79
C12 BLD B . -27.90 -12.51 -21.80
C13 BLD B . -28.25 -13.13 -23.14
C14 BLD B . -27.40 -12.40 -24.20
C15 BLD B . -27.59 -13.22 -25.47
C16 BLD B . -27.76 -14.66 -24.97
C17 BLD B . -27.77 -14.58 -23.42
C18 BLD B . -29.75 -13.02 -23.43
C19 BLD B . -29.49 -8.77 -23.25
C20 BLD B . -28.49 -15.77 -22.77
C21 BLD B . -27.97 -16.08 -21.36
C22 BLD B . -28.46 -17.04 -23.64
O22 BLD B . -27.14 -17.60 -23.60
C23 BLD B . -29.52 -18.12 -23.35
O23 BLD B . -29.04 -19.01 -22.34
C24 BLD B . -30.04 -18.94 -24.53
C25 BLD B . -30.84 -18.12 -25.56
C26 BLD B . -30.94 -18.84 -26.89
C27 BLD B . -32.22 -17.79 -25.04
C28 BLD B . -30.84 -20.17 -24.06
#